data_4FVA
#
_entry.id   4FVA
#
_cell.length_a   52.600
_cell.length_b   104.400
_cell.length_c   84.700
_cell.angle_alpha   90.00
_cell.angle_beta   90.98
_cell.angle_gamma   90.00
#
_symmetry.space_group_name_H-M   'P 1 21 1'
#
loop_
_entity.id
_entity.type
_entity.pdbx_description
1 polymer "5'-tyrosyl-DNA phosphodiesterase"
2 non-polymer 1,2-ETHANEDIOL
3 non-polymer 'MAGNESIUM ION'
4 non-polymer 'MALONATE ION'
5 water water
#
_entity_poly.entity_id   1
_entity_poly.type   'polypeptide(L)'
_entity_poly.pdbx_seq_one_letter_code
;AAVMTAEDLKGFEVSVMSWNIDGLDGRSLLTRMKAVAHIVKNVNPDILFLQEVVDRDLAPIDKLQSLYKIYYSNKGCQYY
TAILVSKMFDVEKHDVIHFQNSGMYRTLQILEGSIGGLKVFLLNTHLESTREHRPQRCAQFGFCMDKVREIIAQNPGALV
FFGGDLNLRDEEVSRVPDGVKDAWEAAGSDNKTKFTWDTFKNDNKQGFHGAKMRFDRLYWSGPLDKVKFTLEGRQRIRSC
LCFPSDHWAINATFFA
;
_entity_poly.pdbx_strand_id   A,B,C,D
#
loop_
_chem_comp.id
_chem_comp.type
_chem_comp.name
_chem_comp.formula
EDO non-polymer 1,2-ETHANEDIOL 'C2 H6 O2'
MG non-polymer 'MAGNESIUM ION' 'Mg 2'
MLI non-polymer 'MALONATE ION' 'C3 H2 O4 -2'
#
# COMPACT_ATOMS: atom_id res chain seq x y z
N ASP A 8 24.63 -21.65 12.23
CA ASP A 8 25.13 -21.30 10.91
C ASP A 8 24.17 -21.84 9.86
N LEU A 9 24.49 -21.63 8.58
CA LEU A 9 23.61 -22.06 7.52
C LEU A 9 23.97 -23.42 6.96
N LYS A 10 25.09 -23.96 7.40
CA LYS A 10 25.46 -25.29 6.97
C LYS A 10 24.36 -26.25 7.41
N GLY A 11 23.95 -27.13 6.51
CA GLY A 11 22.83 -28.01 6.76
C GLY A 11 21.49 -27.34 6.49
N PHE A 12 21.50 -26.05 6.17
CA PHE A 12 20.24 -25.37 5.82
C PHE A 12 19.95 -25.69 4.36
N GLU A 13 18.69 -26.00 4.07
CA GLU A 13 18.34 -26.41 2.72
C GLU A 13 16.88 -26.04 2.44
N VAL A 14 16.61 -25.52 1.24
CA VAL A 14 15.25 -25.19 0.84
C VAL A 14 15.06 -25.52 -0.64
N SER A 15 13.95 -26.18 -0.96
CA SER A 15 13.66 -26.55 -2.35
C SER A 15 12.54 -25.70 -2.95
N VAL A 16 12.76 -25.22 -4.18
CA VAL A 16 11.77 -24.41 -4.85
C VAL A 16 11.44 -25.06 -6.18
N MET A 17 10.16 -25.26 -6.40
CA MET A 17 9.65 -25.87 -7.63
C MET A 17 8.77 -24.85 -8.33
N SER A 18 8.86 -24.79 -9.66
CA SER A 18 8.02 -23.88 -10.45
C SER A 18 7.44 -24.61 -11.65
N TRP A 19 6.17 -24.35 -11.95
CA TRP A 19 5.47 -25.13 -12.97
C TRP A 19 4.33 -24.36 -13.61
N ASN A 20 4.40 -24.22 -14.93
CA ASN A 20 3.25 -23.74 -15.69
C ASN A 20 2.39 -24.94 -15.93
N ILE A 21 1.21 -24.97 -15.31
CA ILE A 21 0.40 -26.19 -15.35
C ILE A 21 -0.64 -26.25 -16.48
N ASP A 22 -0.56 -25.28 -17.40
CA ASP A 22 -1.35 -25.37 -18.62
C ASP A 22 -2.83 -25.49 -18.30
N GLY A 23 -3.31 -24.68 -17.35
CA GLY A 23 -4.73 -24.67 -17.03
C GLY A 23 -5.62 -24.18 -18.16
N LEU A 24 -5.04 -23.47 -19.13
CA LEU A 24 -5.85 -22.97 -20.25
C LEU A 24 -6.21 -24.07 -21.23
N ASP A 25 -5.56 -25.22 -21.09
CA ASP A 25 -5.89 -26.36 -21.95
C ASP A 25 -6.95 -27.20 -21.26
N GLY A 26 -8.14 -27.23 -21.84
CA GLY A 26 -9.28 -27.89 -21.22
C GLY A 26 -9.30 -29.40 -21.31
N ARG A 27 -8.50 -29.98 -22.21
CA ARG A 27 -8.45 -31.42 -22.41
C ARG A 27 -7.90 -32.19 -21.19
N SER A 28 -8.69 -33.11 -20.64
CA SER A 28 -8.26 -33.91 -19.50
C SER A 28 -7.79 -33.06 -18.33
N LEU A 29 -8.36 -31.87 -18.20
CA LEU A 29 -7.91 -30.92 -17.18
C LEU A 29 -7.95 -31.49 -15.74
N LEU A 30 -9.06 -32.12 -15.36
CA LEU A 30 -9.17 -32.66 -14.01
C LEU A 30 -8.13 -33.75 -13.78
N THR A 31 -8.02 -34.69 -14.70
CA THR A 31 -7.03 -35.76 -14.54
C THR A 31 -5.63 -35.16 -14.42
N ARG A 32 -5.35 -34.16 -15.25
CA ARG A 32 -4.04 -33.52 -15.25
C ARG A 32 -3.76 -32.76 -13.94
N MET A 33 -4.77 -32.07 -13.41
CA MET A 33 -4.57 -31.35 -12.15
C MET A 33 -4.36 -32.33 -10.99
N LYS A 34 -5.06 -33.46 -11.01
CA LYS A 34 -4.82 -34.52 -10.04
C LYS A 34 -3.39 -35.02 -10.16
N ALA A 35 -2.90 -35.18 -11.39
CA ALA A 35 -1.50 -35.60 -11.60
C ALA A 35 -0.52 -34.56 -11.08
N VAL A 36 -0.83 -33.28 -11.32
CA VAL A 36 0.00 -32.22 -10.79
C VAL A 36 0.09 -32.33 -9.26
N ALA A 37 -1.05 -32.45 -8.59
CA ALA A 37 -1.03 -32.52 -7.14
C ALA A 37 -0.29 -33.77 -6.67
N HIS A 38 -0.46 -34.86 -7.41
CA HIS A 38 0.25 -36.10 -7.13
C HIS A 38 1.76 -35.93 -7.17
N ILE A 39 2.25 -35.29 -8.22
CA ILE A 39 3.69 -35.09 -8.40
C ILE A 39 4.26 -34.16 -7.32
N VAL A 40 3.52 -33.11 -7.00
CA VAL A 40 3.90 -32.20 -5.92
C VAL A 40 4.11 -32.96 -4.59
N LYS A 41 3.17 -33.84 -4.26
CA LYS A 41 3.27 -34.62 -3.02
C LYS A 41 4.48 -35.54 -3.02
N ASN A 42 4.90 -35.99 -4.20
CA ASN A 42 6.08 -36.86 -4.33
C ASN A 42 7.43 -36.14 -4.35
N VAL A 43 7.47 -34.99 -5.03
CA VAL A 43 8.67 -34.17 -5.02
C VAL A 43 8.76 -33.44 -3.69
N ASN A 44 7.61 -33.07 -3.14
CA ASN A 44 7.55 -32.49 -1.80
C ASN A 44 8.42 -31.25 -1.63
N PRO A 45 8.27 -30.26 -2.52
CA PRO A 45 9.09 -29.04 -2.45
C PRO A 45 8.69 -28.20 -1.26
N ASP A 46 9.62 -27.40 -0.70
CA ASP A 46 9.26 -26.51 0.41
C ASP A 46 8.42 -25.36 -0.10
N ILE A 47 8.72 -24.93 -1.32
CA ILE A 47 8.08 -23.78 -1.91
C ILE A 47 7.70 -24.13 -3.34
N LEU A 48 6.49 -23.78 -3.74
CA LEU A 48 6.03 -24.10 -5.08
C LEU A 48 5.41 -22.89 -5.76
N PHE A 49 5.94 -22.56 -6.95
CA PHE A 49 5.36 -21.55 -7.83
C PHE A 49 4.50 -22.19 -8.93
N LEU A 50 3.27 -21.73 -9.12
CA LEU A 50 2.45 -22.19 -10.26
C LEU A 50 2.09 -21.01 -11.17
N GLN A 51 1.98 -21.29 -12.46
CA GLN A 51 1.45 -20.33 -13.43
C GLN A 51 0.36 -20.98 -14.28
N GLU A 52 -0.47 -20.16 -14.91
CA GLU A 52 -1.62 -20.65 -15.68
C GLU A 52 -2.51 -21.56 -14.86
N VAL A 53 -2.79 -21.16 -13.63
CA VAL A 53 -3.78 -21.83 -12.79
C VAL A 53 -5.14 -21.27 -13.22
N VAL A 54 -6.16 -22.12 -13.31
CA VAL A 54 -7.53 -21.70 -13.63
C VAL A 54 -8.52 -22.15 -12.55
N ASP A 55 -9.68 -21.50 -12.50
CA ASP A 55 -10.69 -21.83 -11.49
C ASP A 55 -11.25 -23.23 -11.71
N ARG A 56 -11.45 -23.58 -12.96
CA ARG A 56 -12.05 -24.87 -13.31
C ARG A 56 -11.17 -26.05 -12.92
N ASP A 57 -11.76 -26.98 -12.18
CA ASP A 57 -11.07 -28.20 -11.78
C ASP A 57 -9.86 -27.89 -10.91
N LEU A 58 -9.98 -26.86 -10.08
CA LEU A 58 -8.89 -26.46 -9.21
C LEU A 58 -8.80 -27.34 -7.95
N ALA A 59 -9.86 -28.09 -7.66
CA ALA A 59 -9.94 -28.83 -6.39
C ALA A 59 -8.68 -29.60 -5.99
N PRO A 60 -8.13 -30.41 -6.92
CA PRO A 60 -6.95 -31.21 -6.56
C PRO A 60 -5.81 -30.33 -6.12
N ILE A 61 -5.69 -29.14 -6.72
CA ILE A 61 -4.69 -28.19 -6.32
C ILE A 61 -5.03 -27.56 -4.96
N ASP A 62 -6.27 -27.10 -4.84
CA ASP A 62 -6.74 -26.47 -3.61
C ASP A 62 -6.61 -27.40 -2.43
N LYS A 63 -6.75 -28.70 -2.66
CA LYS A 63 -6.61 -29.69 -1.60
C LYS A 63 -5.20 -29.75 -1.03
N LEU A 64 -4.22 -29.18 -1.72
CA LEU A 64 -2.86 -29.15 -1.19
C LEU A 64 -2.76 -28.26 0.05
N GLN A 65 -3.83 -27.54 0.37
CA GLN A 65 -3.83 -26.65 1.53
C GLN A 65 -3.69 -27.42 2.83
N SER A 66 -3.85 -28.74 2.78
CA SER A 66 -3.62 -29.54 3.98
C SER A 66 -2.12 -29.61 4.27
N LEU A 67 -1.31 -29.32 3.26
CA LEU A 67 0.16 -29.41 3.37
C LEU A 67 0.86 -28.05 3.25
N TYR A 68 0.20 -27.10 2.61
CA TYR A 68 0.78 -25.81 2.27
C TYR A 68 -0.16 -24.65 2.62
N LYS A 69 0.41 -23.47 2.85
CA LYS A 69 -0.39 -22.25 2.71
C LYS A 69 -0.43 -21.88 1.22
N ILE A 70 -1.60 -21.55 0.69
CA ILE A 70 -1.74 -21.26 -0.73
C ILE A 70 -2.14 -19.80 -0.95
N TYR A 71 -1.36 -19.09 -1.77
CA TYR A 71 -1.65 -17.71 -2.12
C TYR A 71 -1.83 -17.59 -3.62
N TYR A 72 -3.03 -17.18 -4.03
CA TYR A 72 -3.37 -17.00 -5.45
C TYR A 72 -3.18 -15.54 -5.83
N SER A 73 -2.63 -15.31 -7.01
CA SER A 73 -2.35 -13.93 -7.43
C SER A 73 -3.63 -13.16 -7.69
N ASN A 74 -4.61 -13.83 -8.28
CA ASN A 74 -5.76 -13.13 -8.85
C ASN A 74 -6.91 -14.10 -9.14
N LYS A 75 -7.31 -14.84 -8.12
CA LYS A 75 -8.31 -15.89 -8.29
C LYS A 75 -9.60 -15.31 -8.88
N GLY A 76 -10.23 -16.07 -9.78
CA GLY A 76 -11.43 -15.59 -10.46
C GLY A 76 -11.16 -14.95 -11.82
N CYS A 77 -9.92 -14.54 -12.07
CA CYS A 77 -9.51 -14.08 -13.39
C CYS A 77 -9.43 -15.28 -14.33
N GLN A 78 -9.31 -15.05 -15.63
CA GLN A 78 -9.25 -16.19 -16.59
C GLN A 78 -8.17 -17.20 -16.21
N TYR A 79 -6.97 -16.70 -15.88
CA TYR A 79 -5.89 -17.54 -15.34
C TYR A 79 -4.97 -16.69 -14.47
N TYR A 80 -4.19 -17.33 -13.61
CA TYR A 80 -3.44 -16.58 -12.61
C TYR A 80 -2.30 -17.44 -12.06
N THR A 81 -1.56 -16.92 -11.09
CA THR A 81 -0.46 -17.69 -10.54
C THR A 81 -0.71 -18.06 -9.09
N ALA A 82 0.12 -18.92 -8.52
CA ALA A 82 -0.01 -19.26 -7.11
C ALA A 82 1.37 -19.46 -6.51
N ILE A 83 1.48 -19.17 -5.22
CA ILE A 83 2.68 -19.51 -4.46
C ILE A 83 2.21 -20.34 -3.28
N LEU A 84 2.77 -21.54 -3.14
CA LEU A 84 2.45 -22.40 -2.01
C LEU A 84 3.68 -22.53 -1.13
N VAL A 85 3.50 -22.36 0.18
CA VAL A 85 4.60 -22.47 1.12
C VAL A 85 4.25 -23.38 2.30
N SER A 86 5.29 -23.95 2.89
CA SER A 86 5.14 -24.70 4.13
C SER A 86 4.30 -23.92 5.14
N LYS A 87 3.55 -24.64 5.98
CA LYS A 87 2.77 -23.97 7.02
C LYS A 87 3.67 -23.29 8.05
N MET A 88 4.95 -23.64 8.02
CA MET A 88 5.95 -23.02 8.90
C MET A 88 6.44 -21.67 8.36
N PHE A 89 6.12 -21.38 7.11
CA PHE A 89 6.47 -20.09 6.52
C PHE A 89 5.58 -19.02 7.16
N ASP A 90 6.21 -18.04 7.80
CA ASP A 90 5.48 -16.95 8.45
C ASP A 90 5.34 -15.81 7.45
N VAL A 91 4.12 -15.60 6.96
CA VAL A 91 3.88 -14.61 5.91
C VAL A 91 3.79 -13.21 6.51
N GLU A 92 4.54 -12.27 5.94
CA GLU A 92 4.49 -10.87 6.37
C GLU A 92 3.67 -10.01 5.38
N LYS A 93 3.86 -10.25 4.08
CA LYS A 93 3.16 -9.51 3.03
C LYS A 93 2.84 -10.39 1.82
N HIS A 94 1.70 -10.14 1.19
CA HIS A 94 1.42 -10.75 -0.10
C HIS A 94 1.04 -9.61 -1.02
N ASP A 95 1.88 -9.34 -2.02
CA ASP A 95 1.65 -8.21 -2.91
C ASP A 95 1.55 -8.72 -4.35
N VAL A 96 0.59 -8.19 -5.09
CA VAL A 96 0.42 -8.58 -6.47
C VAL A 96 0.55 -7.34 -7.31
N ILE A 97 1.63 -7.24 -8.06
CA ILE A 97 1.83 -6.09 -8.92
C ILE A 97 1.39 -6.42 -10.33
N HIS A 98 0.40 -5.69 -10.83
CA HIS A 98 -0.06 -5.86 -12.21
C HIS A 98 0.86 -5.12 -13.19
N PHE A 99 1.42 -5.86 -14.15
CA PHE A 99 2.25 -5.22 -15.17
C PHE A 99 1.38 -4.27 -15.97
N GLN A 100 1.77 -3.00 -15.98
CA GLN A 100 1.00 -1.95 -16.64
C GLN A 100 0.92 -2.17 -18.15
N ASN A 101 2.00 -2.71 -18.72
CA ASN A 101 2.08 -2.92 -20.17
C ASN A 101 1.52 -4.26 -20.64
N SER A 102 0.89 -5.02 -19.74
CA SER A 102 0.42 -6.35 -20.13
C SER A 102 -1.01 -6.35 -20.69
N GLY A 103 -1.21 -7.09 -21.77
CA GLY A 103 -2.55 -7.32 -22.26
C GLY A 103 -3.07 -8.69 -21.82
N MET A 104 -2.32 -9.35 -20.93
CA MET A 104 -2.62 -10.73 -20.54
C MET A 104 -2.78 -10.94 -19.02
N TYR A 105 -3.15 -9.86 -18.33
CA TYR A 105 -3.39 -9.85 -16.88
C TYR A 105 -2.19 -10.35 -16.09
N ARG A 106 -0.98 -10.14 -16.62
CA ARG A 106 0.21 -10.69 -15.98
C ARG A 106 0.65 -9.83 -14.82
N THR A 107 1.25 -10.47 -13.82
CA THR A 107 1.53 -9.85 -12.54
C THR A 107 2.87 -10.31 -12.01
N LEU A 108 3.41 -9.53 -11.08
CA LEU A 108 4.53 -10.01 -10.27
C LEU A 108 3.94 -10.26 -8.91
N GLN A 109 3.89 -11.55 -8.54
CA GLN A 109 3.31 -11.96 -7.26
C GLN A 109 4.42 -12.09 -6.24
N ILE A 110 4.34 -11.33 -5.15
CA ILE A 110 5.42 -11.30 -4.17
C ILE A 110 4.93 -11.76 -2.82
N LEU A 111 5.54 -12.82 -2.30
CA LEU A 111 5.21 -13.25 -0.94
C LEU A 111 6.47 -13.08 -0.11
N GLU A 112 6.36 -12.28 0.94
CA GLU A 112 7.47 -11.98 1.84
C GLU A 112 7.17 -12.63 3.19
N GLY A 113 8.18 -13.28 3.77
CA GLY A 113 7.99 -13.88 5.08
C GLY A 113 9.32 -14.36 5.61
N SER A 114 9.26 -15.38 6.45
CA SER A 114 10.47 -15.99 6.93
C SER A 114 10.20 -17.45 7.30
N ILE A 115 11.24 -18.27 7.20
CA ILE A 115 11.15 -19.65 7.67
C ILE A 115 12.32 -19.78 8.60
N GLY A 116 12.01 -20.11 9.85
CA GLY A 116 13.00 -20.07 10.91
C GLY A 116 13.34 -18.60 11.12
N GLY A 117 14.63 -18.30 11.15
CA GLY A 117 15.07 -16.93 11.34
C GLY A 117 15.41 -16.24 10.02
N LEU A 118 15.18 -16.95 8.92
CA LEU A 118 15.65 -16.42 7.64
C LEU A 118 14.56 -15.69 6.86
N LYS A 119 14.85 -14.43 6.54
CA LYS A 119 13.95 -13.60 5.74
C LYS A 119 13.93 -14.16 4.34
N VAL A 120 12.73 -14.31 3.76
CA VAL A 120 12.59 -14.88 2.42
C VAL A 120 11.63 -14.06 1.58
N PHE A 121 12.05 -13.67 0.39
CA PHE A 121 11.17 -13.04 -0.60
C PHE A 121 10.95 -13.99 -1.77
N LEU A 122 9.68 -14.18 -2.13
CA LEU A 122 9.31 -15.07 -3.22
C LEU A 122 8.64 -14.22 -4.27
N LEU A 123 9.19 -14.23 -5.48
CA LEU A 123 8.62 -13.47 -6.60
C LEU A 123 8.31 -14.40 -7.78
N ASN A 124 7.02 -14.55 -8.07
CA ASN A 124 6.53 -15.47 -9.07
C ASN A 124 5.83 -14.70 -10.19
N THR A 125 6.17 -15.01 -11.43
CA THR A 125 5.56 -14.30 -12.54
C THR A 125 5.38 -15.21 -13.75
N HIS A 126 4.52 -14.77 -14.65
CA HIS A 126 4.33 -15.42 -15.93
C HIS A 126 4.44 -14.32 -16.97
N LEU A 127 5.63 -14.13 -17.55
CA LEU A 127 5.86 -12.97 -18.42
C LEU A 127 5.12 -13.07 -19.76
N GLU A 128 4.88 -11.91 -20.39
CA GLU A 128 4.09 -11.87 -21.62
C GLU A 128 4.48 -12.96 -22.61
N SER A 129 3.46 -13.59 -23.21
CA SER A 129 3.65 -14.76 -24.07
C SER A 129 3.85 -14.38 -25.55
N THR A 130 4.53 -15.27 -26.28
CA THR A 130 4.76 -15.23 -27.74
C THR A 130 5.88 -14.31 -28.21
N ARG A 131 6.43 -14.66 -29.36
CA ARG A 131 7.50 -13.90 -30.00
C ARG A 131 7.11 -12.44 -30.18
N GLU A 132 5.86 -12.21 -30.57
CA GLU A 132 5.39 -10.85 -30.86
C GLU A 132 5.48 -9.90 -29.66
N HIS A 133 5.45 -10.48 -28.46
CA HIS A 133 5.37 -9.63 -27.27
C HIS A 133 6.72 -9.49 -26.58
N ARG A 134 7.78 -9.67 -27.37
CA ARG A 134 9.13 -9.42 -26.89
C ARG A 134 9.26 -8.06 -26.23
N PRO A 135 8.69 -7.01 -26.85
CA PRO A 135 8.82 -5.69 -26.22
C PRO A 135 8.29 -5.71 -24.79
N GLN A 136 7.06 -6.16 -24.61
CA GLN A 136 6.46 -6.17 -23.28
C GLN A 136 7.22 -7.10 -22.34
N ARG A 137 7.60 -8.26 -22.87
CA ARG A 137 8.28 -9.26 -22.04
C ARG A 137 9.63 -8.77 -21.53
N CYS A 138 10.41 -8.15 -22.40
CA CYS A 138 11.73 -7.66 -22.00
C CYS A 138 11.62 -6.55 -20.98
N ALA A 139 10.61 -5.70 -21.12
CA ALA A 139 10.38 -4.65 -20.13
C ALA A 139 10.00 -5.23 -18.78
N GLN A 140 9.14 -6.24 -18.80
CA GLN A 140 8.70 -6.89 -17.56
C GLN A 140 9.90 -7.51 -16.84
N PHE A 141 10.73 -8.24 -17.58
CA PHE A 141 11.90 -8.87 -16.98
C PHE A 141 12.80 -7.82 -16.30
N GLY A 142 13.07 -6.72 -17.00
CA GLY A 142 13.87 -5.63 -16.47
C GLY A 142 13.24 -5.09 -15.20
N PHE A 143 11.94 -4.88 -15.24
CA PHE A 143 11.20 -4.40 -14.09
C PHE A 143 11.35 -5.38 -12.93
N CYS A 144 11.21 -6.66 -13.22
CA CYS A 144 11.34 -7.65 -12.15
C CYS A 144 12.74 -7.60 -11.54
N MET A 145 13.76 -7.49 -12.38
CA MET A 145 15.13 -7.46 -11.87
C MET A 145 15.39 -6.21 -11.02
N ASP A 146 14.81 -5.08 -11.42
CA ASP A 146 14.93 -3.87 -10.62
C ASP A 146 14.32 -4.07 -9.24
N LYS A 147 13.18 -4.75 -9.22
CA LYS A 147 12.50 -5.04 -7.97
C LYS A 147 13.34 -5.94 -7.08
N VAL A 148 13.92 -6.97 -7.68
CA VAL A 148 14.86 -7.86 -6.98
C VAL A 148 16.06 -7.09 -6.45
N ARG A 149 16.65 -6.23 -7.29
CA ARG A 149 17.79 -5.44 -6.88
C ARG A 149 17.44 -4.62 -5.63
N GLU A 150 16.29 -3.95 -5.67
CA GLU A 150 15.80 -3.17 -4.51
C GLU A 150 15.58 -4.03 -3.25
N ILE A 151 14.90 -5.17 -3.40
CA ILE A 151 14.63 -6.04 -2.25
C ILE A 151 15.95 -6.45 -1.59
N ILE A 152 16.92 -6.84 -2.43
CA ILE A 152 18.23 -7.24 -1.94
C ILE A 152 18.92 -6.11 -1.17
N ALA A 153 18.89 -4.92 -1.74
CA ALA A 153 19.44 -3.72 -1.09
C ALA A 153 18.74 -3.41 0.24
N GLN A 154 17.43 -3.62 0.31
CA GLN A 154 16.67 -3.32 1.52
C GLN A 154 16.75 -4.43 2.57
N ASN A 155 17.22 -5.61 2.18
CA ASN A 155 17.21 -6.74 3.09
C ASN A 155 18.49 -7.54 2.99
N PRO A 156 19.59 -6.93 3.43
CA PRO A 156 20.86 -7.65 3.36
C PRO A 156 20.73 -8.95 4.14
N GLY A 157 21.26 -10.05 3.59
CA GLY A 157 21.16 -11.31 4.29
C GLY A 157 19.89 -12.11 3.99
N ALA A 158 18.93 -11.53 3.27
CA ALA A 158 17.72 -12.27 2.93
C ALA A 158 17.91 -13.26 1.79
N LEU A 159 17.09 -14.30 1.77
CA LEU A 159 17.01 -15.18 0.61
C LEU A 159 15.95 -14.62 -0.33
N VAL A 160 16.32 -14.41 -1.59
CA VAL A 160 15.37 -13.92 -2.58
C VAL A 160 15.27 -14.93 -3.73
N PHE A 161 14.06 -15.40 -4.02
CA PHE A 161 13.83 -16.28 -5.17
C PHE A 161 12.92 -15.59 -6.19
N PHE A 162 13.42 -15.44 -7.41
CA PHE A 162 12.60 -14.88 -8.48
C PHE A 162 12.54 -15.80 -9.69
N GLY A 163 11.33 -16.05 -10.20
CA GLY A 163 11.19 -16.85 -11.41
C GLY A 163 9.75 -17.16 -11.79
N GLY A 164 9.59 -18.26 -12.52
CA GLY A 164 8.31 -18.68 -13.03
C GLY A 164 8.46 -19.02 -14.50
N ASP A 165 7.38 -18.83 -15.23
CA ASP A 165 7.44 -18.99 -16.67
C ASP A 165 7.79 -17.64 -17.26
N LEU A 166 9.06 -17.44 -17.60
CA LEU A 166 9.50 -16.13 -18.08
C LEU A 166 9.42 -16.00 -19.61
N ASN A 167 9.10 -17.10 -20.31
CA ASN A 167 8.90 -17.05 -21.76
C ASN A 167 10.09 -16.46 -22.51
N LEU A 168 11.28 -16.64 -21.97
CA LEU A 168 12.48 -16.00 -22.48
C LEU A 168 13.17 -16.77 -23.60
N ARG A 169 13.69 -16.02 -24.57
CA ARG A 169 14.79 -16.51 -25.40
C ARG A 169 16.03 -15.90 -24.76
N ASP A 170 17.16 -16.60 -24.73
CA ASP A 170 18.33 -16.11 -23.98
C ASP A 170 18.80 -14.69 -24.33
N GLU A 171 18.69 -14.30 -25.60
CA GLU A 171 19.12 -12.97 -26.03
C GLU A 171 18.25 -11.89 -25.41
N GLU A 172 17.13 -12.27 -24.80
CA GLU A 172 16.22 -11.31 -24.19
C GLU A 172 16.60 -10.93 -22.75
N VAL A 173 17.48 -11.71 -22.13
CA VAL A 173 17.87 -11.47 -20.72
C VAL A 173 18.72 -10.20 -20.59
N SER A 174 18.25 -9.27 -19.77
CA SER A 174 18.90 -7.96 -19.62
C SER A 174 19.69 -7.83 -18.32
N ARG A 175 19.38 -6.79 -17.57
CA ARG A 175 20.16 -6.36 -16.43
C ARG A 175 19.96 -7.20 -15.17
N VAL A 176 20.63 -8.35 -15.14
CA VAL A 176 20.67 -9.21 -13.96
C VAL A 176 21.71 -8.70 -12.98
N PRO A 177 21.30 -8.42 -11.74
CA PRO A 177 22.27 -7.86 -10.79
C PRO A 177 23.37 -8.86 -10.46
N ASP A 178 24.57 -8.37 -10.20
CA ASP A 178 25.65 -9.22 -9.71
C ASP A 178 25.19 -9.73 -8.33
N GLY A 179 25.45 -10.99 -8.01
CA GLY A 179 24.92 -11.55 -6.76
C GLY A 179 23.67 -12.37 -7.00
N VAL A 180 22.96 -12.08 -8.10
CA VAL A 180 21.79 -12.86 -8.51
C VAL A 180 22.22 -13.87 -9.57
N LYS A 181 21.95 -15.16 -9.33
CA LYS A 181 22.35 -16.21 -10.24
C LYS A 181 21.17 -17.03 -10.71
N ASP A 182 21.34 -17.59 -11.90
CA ASP A 182 20.34 -18.45 -12.51
C ASP A 182 20.56 -19.87 -11.97
N ALA A 183 19.54 -20.42 -11.35
CA ALA A 183 19.66 -21.72 -10.68
C ALA A 183 20.16 -22.83 -11.60
N TRP A 184 19.62 -22.90 -12.81
CA TRP A 184 20.06 -23.92 -13.74
C TRP A 184 21.53 -23.79 -14.12
N GLU A 185 21.95 -22.56 -14.38
CA GLU A 185 23.35 -22.28 -14.69
C GLU A 185 24.26 -22.62 -13.53
N ALA A 186 23.91 -22.14 -12.35
CA ALA A 186 24.71 -22.37 -11.15
C ALA A 186 24.80 -23.83 -10.77
N ALA A 187 23.83 -24.62 -11.21
CA ALA A 187 23.85 -26.05 -10.94
C ALA A 187 24.74 -26.79 -11.93
N GLY A 188 25.19 -26.10 -12.99
CA GLY A 188 26.09 -26.71 -13.94
C GLY A 188 25.71 -26.63 -15.41
N SER A 189 24.66 -25.88 -15.73
CA SER A 189 24.20 -25.78 -17.12
C SER A 189 24.11 -27.15 -17.78
N ASP A 190 23.51 -28.10 -17.07
CA ASP A 190 23.36 -29.46 -17.58
C ASP A 190 22.38 -29.54 -18.74
N ASN A 191 22.84 -30.08 -19.88
CA ASN A 191 21.96 -30.25 -21.03
C ASN A 191 20.73 -31.13 -20.74
N LYS A 192 20.88 -32.09 -19.82
CA LYS A 192 19.77 -33.00 -19.52
C LYS A 192 18.62 -32.30 -18.79
N THR A 193 18.90 -31.14 -18.22
CA THR A 193 17.88 -30.40 -17.47
C THR A 193 17.63 -29.03 -18.04
N LYS A 194 18.02 -28.82 -19.30
CA LYS A 194 18.00 -27.46 -19.86
C LYS A 194 16.62 -26.98 -20.31
N PHE A 195 15.97 -27.72 -21.19
CA PHE A 195 14.75 -27.22 -21.80
C PHE A 195 13.52 -27.58 -20.97
N THR A 196 12.68 -26.58 -20.72
CA THR A 196 11.54 -26.77 -19.85
C THR A 196 10.25 -26.80 -20.67
N TRP A 197 10.38 -26.40 -21.93
CA TRP A 197 9.28 -26.44 -22.88
C TRP A 197 9.83 -27.04 -24.15
N ASP A 198 9.47 -28.29 -24.40
CA ASP A 198 10.09 -29.09 -25.44
C ASP A 198 9.04 -29.78 -26.31
N THR A 199 8.64 -29.14 -27.40
CA THR A 199 7.57 -29.67 -28.24
C THR A 199 8.00 -30.89 -29.05
N PHE A 200 9.28 -31.23 -29.01
CA PHE A 200 9.73 -32.47 -29.62
C PHE A 200 9.22 -33.61 -28.76
N LYS A 201 9.49 -33.49 -27.47
CA LYS A 201 9.17 -34.57 -26.54
C LYS A 201 7.80 -34.39 -25.89
N ASN A 202 7.34 -33.15 -25.79
CA ASN A 202 6.03 -32.92 -25.19
C ASN A 202 5.00 -32.70 -26.28
N ASP A 203 4.01 -33.60 -26.37
CA ASP A 203 3.01 -33.52 -27.43
C ASP A 203 1.64 -33.10 -26.92
N ASN A 204 1.58 -32.50 -25.74
CA ASN A 204 0.32 -31.94 -25.28
C ASN A 204 -0.19 -30.94 -26.32
N LYS A 205 0.73 -30.19 -26.90
CA LYS A 205 0.38 -29.23 -27.94
C LYS A 205 0.89 -29.63 -29.32
N GLN A 206 0.00 -29.51 -30.30
CA GLN A 206 0.27 -29.78 -31.71
C GLN A 206 0.44 -28.48 -32.49
N GLY A 207 1.16 -28.55 -33.60
CA GLY A 207 1.25 -27.44 -34.53
C GLY A 207 2.59 -26.74 -34.42
N PHE A 208 3.32 -27.06 -33.37
CA PHE A 208 4.66 -26.56 -33.24
C PHE A 208 5.43 -27.64 -33.99
N HIS A 209 6.68 -27.40 -34.35
CA HIS A 209 7.42 -28.43 -35.04
C HIS A 209 8.84 -28.53 -34.54
N GLY A 210 8.95 -28.92 -33.28
CA GLY A 210 10.24 -29.19 -32.69
C GLY A 210 10.89 -27.91 -32.25
N ALA A 211 10.22 -27.19 -31.36
CA ALA A 211 10.81 -26.01 -30.79
C ALA A 211 11.19 -26.39 -29.38
N LYS A 212 12.35 -25.95 -28.92
CA LYS A 212 12.79 -26.22 -27.56
C LYS A 212 13.20 -24.91 -26.89
N MET A 213 12.71 -24.67 -25.68
CA MET A 213 13.04 -23.41 -25.00
C MET A 213 13.23 -23.60 -23.51
N ARG A 214 14.05 -22.74 -22.92
CA ARG A 214 14.21 -22.70 -21.48
C ARG A 214 13.40 -21.54 -20.96
N PHE A 215 12.08 -21.69 -21.04
CA PHE A 215 11.12 -20.64 -20.68
C PHE A 215 11.03 -20.47 -19.18
N ASP A 216 11.18 -21.58 -18.46
CA ASP A 216 10.97 -21.58 -17.02
C ASP A 216 12.30 -21.49 -16.29
N ARG A 217 12.44 -20.48 -15.44
CA ARG A 217 13.73 -20.24 -14.78
C ARG A 217 13.55 -19.79 -13.34
N LEU A 218 14.59 -20.00 -12.55
CA LEU A 218 14.62 -19.55 -11.17
C LEU A 218 15.94 -18.83 -10.92
N TYR A 219 15.84 -17.61 -10.42
CA TYR A 219 17.01 -16.83 -10.04
C TYR A 219 17.00 -16.71 -8.52
N TRP A 220 18.17 -16.59 -7.92
CA TRP A 220 18.21 -16.32 -6.48
C TRP A 220 19.39 -15.47 -6.04
N SER A 221 19.23 -14.87 -4.88
CA SER A 221 20.32 -14.19 -4.21
C SER A 221 20.21 -14.59 -2.76
N GLY A 222 21.34 -14.61 -2.06
CA GLY A 222 21.32 -14.91 -0.63
C GLY A 222 22.45 -15.78 -0.14
N PRO A 223 22.40 -16.11 1.16
CA PRO A 223 23.48 -16.78 1.89
C PRO A 223 23.61 -18.26 1.53
N LEU A 224 22.80 -18.74 0.59
CA LEU A 224 22.95 -20.11 0.12
C LEU A 224 23.64 -20.08 -1.23
N ASP A 225 24.78 -20.75 -1.32
CA ASP A 225 25.63 -20.62 -2.49
C ASP A 225 25.62 -21.83 -3.43
N LYS A 226 25.07 -22.94 -2.97
CA LYS A 226 25.00 -24.13 -3.82
C LYS A 226 23.56 -24.46 -4.20
N VAL A 227 23.40 -25.11 -5.35
CA VAL A 227 22.07 -25.43 -5.85
C VAL A 227 22.09 -26.72 -6.66
N LYS A 228 21.08 -27.55 -6.43
CA LYS A 228 20.84 -28.70 -7.30
C LYS A 228 19.56 -28.44 -8.11
N PHE A 229 19.50 -28.95 -9.34
CA PHE A 229 18.43 -28.59 -10.29
C PHE A 229 17.99 -29.82 -11.07
N THR A 230 16.69 -30.13 -11.03
CA THR A 230 16.13 -31.24 -11.81
C THR A 230 14.85 -30.82 -12.53
N LEU A 231 14.40 -31.65 -13.47
CA LEU A 231 13.12 -31.41 -14.13
C LEU A 231 12.13 -32.42 -13.60
N GLU A 232 10.85 -32.05 -13.54
CA GLU A 232 9.84 -32.95 -13.01
C GLU A 232 8.58 -32.91 -13.88
N GLY A 233 7.69 -33.88 -13.66
CA GLY A 233 6.46 -33.98 -14.44
C GLY A 233 6.70 -34.43 -15.87
N ARG A 234 7.73 -35.23 -16.09
CA ARG A 234 8.08 -35.65 -17.44
C ARG A 234 7.44 -36.97 -17.87
N GLN A 235 6.62 -37.54 -17.01
CA GLN A 235 6.01 -38.83 -17.31
C GLN A 235 4.59 -38.66 -17.80
N ARG A 236 4.24 -39.40 -18.84
CA ARG A 236 2.88 -39.38 -19.39
C ARG A 236 1.88 -39.97 -18.39
N ILE A 237 0.68 -39.41 -18.34
CA ILE A 237 -0.36 -39.98 -17.49
C ILE A 237 -0.98 -41.16 -18.23
N ARG A 238 -1.05 -42.32 -17.58
CA ARG A 238 -1.51 -43.52 -18.28
C ARG A 238 -2.96 -43.46 -18.71
N SER A 239 -3.85 -43.03 -17.82
CA SER A 239 -5.28 -43.10 -18.11
C SER A 239 -5.72 -42.23 -19.29
N CYS A 240 -5.01 -41.13 -19.53
CA CYS A 240 -5.43 -40.21 -20.60
C CYS A 240 -4.31 -39.96 -21.60
N LEU A 241 -3.13 -40.56 -21.35
CA LEU A 241 -2.03 -40.51 -22.31
C LEU A 241 -1.53 -39.10 -22.65
N CYS A 242 -1.73 -38.14 -21.75
CA CYS A 242 -1.10 -36.84 -21.95
C CYS A 242 -0.18 -36.52 -20.77
N PHE A 243 0.67 -35.50 -20.94
CA PHE A 243 1.50 -35.04 -19.85
C PHE A 243 0.67 -34.13 -18.96
N PRO A 244 1.07 -33.96 -17.69
CA PRO A 244 0.32 -33.06 -16.82
C PRO A 244 0.22 -31.66 -17.43
N SER A 245 1.30 -31.25 -18.08
CA SER A 245 1.38 -29.92 -18.69
C SER A 245 2.24 -29.99 -19.94
N ASP A 246 2.14 -28.97 -20.79
CA ASP A 246 3.05 -28.88 -21.94
C ASP A 246 4.42 -28.37 -21.50
N HIS A 247 4.53 -27.94 -20.23
CA HIS A 247 5.83 -27.60 -19.61
C HIS A 247 6.30 -28.68 -18.63
N TRP A 248 7.61 -28.89 -18.54
CA TRP A 248 8.17 -29.65 -17.43
C TRP A 248 8.22 -28.72 -16.22
N ALA A 249 8.17 -29.28 -15.02
CA ALA A 249 8.39 -28.46 -13.84
C ALA A 249 9.88 -28.32 -13.59
N ILE A 250 10.31 -27.19 -13.04
CA ILE A 250 11.68 -27.09 -12.57
C ILE A 250 11.69 -27.22 -11.05
N ASN A 251 12.76 -27.80 -10.54
CA ASN A 251 12.87 -28.12 -9.13
C ASN A 251 14.29 -27.83 -8.64
N ALA A 252 14.46 -26.75 -7.87
CA ALA A 252 15.80 -26.37 -7.45
C ALA A 252 15.93 -26.46 -5.94
N THR A 253 17.03 -27.08 -5.50
CA THR A 253 17.30 -27.22 -4.06
C THR A 253 18.53 -26.38 -3.72
N PHE A 254 18.34 -25.42 -2.81
CA PHE A 254 19.39 -24.50 -2.47
C PHE A 254 19.95 -24.85 -1.09
N PHE A 255 21.28 -24.82 -0.98
CA PHE A 255 21.93 -25.17 0.28
C PHE A 255 23.29 -24.50 0.44
N ALA A 256 23.86 -24.66 1.64
CA ALA A 256 25.13 -24.02 1.97
C ALA A 256 26.27 -25.01 1.87
N GLU B 7 5.38 12.23 6.45
CA GLU B 7 5.82 12.13 7.84
C GLU B 7 4.62 11.68 8.66
N ASP B 8 3.76 12.63 9.04
CA ASP B 8 2.43 12.33 9.53
C ASP B 8 1.70 11.57 8.43
N LEU B 9 2.03 11.93 7.19
CA LEU B 9 1.32 11.44 6.00
C LEU B 9 1.94 10.20 5.35
N LYS B 10 3.07 9.74 5.88
CA LYS B 10 3.65 8.50 5.36
C LYS B 10 2.62 7.39 5.48
N GLY B 11 2.47 6.59 4.43
CA GLY B 11 1.45 5.55 4.43
C GLY B 11 0.06 6.02 4.03
N PHE B 12 -0.10 7.31 3.77
CA PHE B 12 -1.42 7.85 3.40
C PHE B 12 -1.75 7.52 1.93
N GLU B 13 -3.01 7.15 1.70
CA GLU B 13 -3.48 6.71 0.39
C GLU B 13 -4.95 7.08 0.23
N VAL B 14 -5.30 7.64 -0.93
CA VAL B 14 -6.69 8.00 -1.22
C VAL B 14 -7.02 7.81 -2.72
N SER B 15 -8.16 7.21 -3.01
CA SER B 15 -8.59 6.97 -4.39
C SER B 15 -9.76 7.91 -4.81
N VAL B 16 -9.67 8.47 -6.01
CA VAL B 16 -10.71 9.36 -6.52
C VAL B 16 -11.18 8.81 -7.86
N MET B 17 -12.49 8.63 -7.99
CA MET B 17 -13.07 8.07 -9.21
C MET B 17 -13.98 9.13 -9.79
N SER B 18 -13.98 9.29 -11.12
CA SER B 18 -14.85 10.29 -11.74
C SER B 18 -15.57 9.68 -12.93
N TRP B 19 -16.85 9.99 -13.08
CA TRP B 19 -17.64 9.32 -14.11
C TRP B 19 -18.83 10.16 -14.56
N ASN B 20 -18.87 10.44 -15.86
CA ASN B 20 -20.06 11.00 -16.46
C ASN B 20 -20.98 9.81 -16.76
N ILE B 21 -22.09 9.70 -16.04
CA ILE B 21 -22.91 8.49 -16.14
C ILE B 21 -24.03 8.58 -17.20
N ASP B 22 -24.01 9.65 -17.98
CA ASP B 22 -24.88 9.72 -19.15
C ASP B 22 -26.33 9.53 -18.79
N GLY B 23 -26.77 10.21 -17.73
CA GLY B 23 -28.16 10.18 -17.33
C GLY B 23 -29.06 10.81 -18.38
N LEU B 24 -28.49 11.59 -19.30
CA LEU B 24 -29.30 12.21 -20.36
C LEU B 24 -29.76 11.23 -21.43
N ASP B 25 -29.18 10.03 -21.43
CA ASP B 25 -29.60 8.99 -22.35
C ASP B 25 -30.69 8.18 -21.67
N GLY B 26 -31.90 8.23 -22.21
CA GLY B 26 -33.01 7.59 -21.54
C GLY B 26 -33.06 6.08 -21.72
N ARG B 27 -32.35 5.57 -22.73
CA ARG B 27 -32.36 4.15 -23.04
C ARG B 27 -31.72 3.28 -21.95
N SER B 28 -32.47 2.32 -21.44
CA SER B 28 -31.97 1.41 -20.39
C SER B 28 -31.43 2.16 -19.17
N LEU B 29 -31.99 3.33 -18.88
CA LEU B 29 -31.46 4.16 -17.80
C LEU B 29 -31.37 3.42 -16.48
N LEU B 30 -32.46 2.79 -16.04
CA LEU B 30 -32.44 2.14 -14.73
C LEU B 30 -31.41 1.03 -14.65
N THR B 31 -31.39 0.17 -15.66
CA THR B 31 -30.42 -0.91 -15.68
C THR B 31 -28.98 -0.40 -15.66
N ARG B 32 -28.74 0.65 -16.42
CA ARG B 32 -27.41 1.24 -16.48
C ARG B 32 -27.03 1.86 -15.12
N MET B 33 -27.99 2.53 -14.46
CA MET B 33 -27.69 3.12 -13.14
C MET B 33 -27.42 2.06 -12.07
N LYS B 34 -28.13 0.94 -12.13
CA LYS B 34 -27.83 -0.20 -11.25
C LYS B 34 -26.43 -0.70 -11.50
N ALA B 35 -26.04 -0.77 -12.77
CA ALA B 35 -24.69 -1.20 -13.11
C ALA B 35 -23.67 -0.22 -12.57
N VAL B 36 -23.96 1.07 -12.73
CA VAL B 36 -23.07 2.08 -12.20
C VAL B 36 -22.87 1.87 -10.68
N ALA B 37 -23.96 1.74 -9.95
CA ALA B 37 -23.86 1.55 -8.51
C ALA B 37 -23.12 0.25 -8.18
N HIS B 38 -23.37 -0.78 -8.99
CA HIS B 38 -22.68 -2.05 -8.81
C HIS B 38 -21.16 -1.89 -8.93
N ILE B 39 -20.72 -1.19 -9.98
CA ILE B 39 -19.30 -0.99 -10.22
C ILE B 39 -18.65 -0.16 -9.11
N VAL B 40 -19.34 0.90 -8.70
CA VAL B 40 -18.87 1.71 -7.58
C VAL B 40 -18.65 0.89 -6.28
N LYS B 41 -19.61 0.04 -5.94
CA LYS B 41 -19.52 -0.76 -4.72
C LYS B 41 -18.35 -1.72 -4.76
N ASN B 42 -18.00 -2.17 -5.95
CA ASN B 42 -16.89 -3.09 -6.10
C ASN B 42 -15.51 -2.43 -6.22
N VAL B 43 -15.43 -1.32 -6.93
CA VAL B 43 -14.18 -0.59 -7.03
C VAL B 43 -13.96 0.06 -5.68
N ASN B 44 -15.06 0.46 -5.06
CA ASN B 44 -15.03 1.00 -3.72
C ASN B 44 -14.07 2.19 -3.56
N PRO B 45 -14.20 3.22 -4.42
CA PRO B 45 -13.31 4.39 -4.30
C PRO B 45 -13.58 5.20 -3.02
N ASP B 46 -12.57 5.91 -2.50
CA ASP B 46 -12.78 6.71 -1.30
C ASP B 46 -13.62 7.95 -1.62
N ILE B 47 -13.42 8.49 -2.81
CA ILE B 47 -14.07 9.73 -3.24
C ILE B 47 -14.58 9.49 -4.65
N LEU B 48 -15.82 9.88 -4.93
CA LEU B 48 -16.38 9.67 -6.27
C LEU B 48 -17.02 10.94 -6.79
N PHE B 49 -16.61 11.37 -8.00
CA PHE B 49 -17.28 12.48 -8.72
C PHE B 49 -18.22 11.90 -9.79
N LEU B 50 -19.46 12.38 -9.85
CA LEU B 50 -20.38 12.00 -10.94
C LEU B 50 -20.82 13.22 -11.73
N GLN B 51 -21.02 13.06 -13.04
CA GLN B 51 -21.62 14.11 -13.87
C GLN B 51 -22.79 13.56 -14.68
N GLU B 52 -23.66 14.47 -15.14
CA GLU B 52 -24.89 14.06 -15.82
C GLU B 52 -25.73 13.08 -15.00
N VAL B 53 -25.88 13.40 -13.71
CA VAL B 53 -26.83 12.69 -12.86
C VAL B 53 -28.21 13.29 -13.12
N VAL B 54 -29.24 12.45 -13.17
CA VAL B 54 -30.62 12.92 -13.31
C VAL B 54 -31.51 12.37 -12.20
N ASP B 55 -32.66 13.01 -11.97
CA ASP B 55 -33.59 12.58 -10.93
C ASP B 55 -34.15 11.20 -11.25
N ARG B 56 -34.45 10.98 -12.53
CA ARG B 56 -35.10 9.74 -12.94
C ARG B 56 -34.24 8.51 -12.67
N ASP B 57 -34.81 7.52 -11.99
CA ASP B 57 -34.11 6.26 -11.76
C ASP B 57 -32.83 6.46 -10.94
N LEU B 58 -32.84 7.42 -10.03
CA LEU B 58 -31.65 7.71 -9.21
C LEU B 58 -31.44 6.72 -8.06
N ALA B 59 -32.50 5.98 -7.73
CA ALA B 59 -32.50 5.16 -6.50
C ALA B 59 -31.22 4.33 -6.27
N PRO B 60 -30.75 3.64 -7.31
CA PRO B 60 -29.54 2.82 -7.14
C PRO B 60 -28.36 3.68 -6.73
N ILE B 61 -28.31 4.91 -7.24
CA ILE B 61 -27.23 5.81 -6.84
C ILE B 61 -27.44 6.21 -5.38
N ASP B 62 -28.66 6.64 -5.05
CA ASP B 62 -28.97 7.03 -3.66
C ASP B 62 -28.69 5.95 -2.63
N LYS B 63 -28.88 4.69 -3.01
CA LYS B 63 -28.62 3.58 -2.11
C LYS B 63 -27.13 3.45 -1.75
N LEU B 64 -26.26 4.17 -2.46
CA LEU B 64 -24.85 4.19 -2.09
C LEU B 64 -24.64 4.86 -0.72
N GLN B 65 -25.71 5.41 -0.14
CA GLN B 65 -25.57 6.11 1.14
C GLN B 65 -25.21 5.19 2.32
N SER B 66 -25.29 3.88 2.16
CA SER B 66 -24.85 2.98 3.25
C SER B 66 -23.33 3.02 3.35
N LEU B 67 -22.68 3.47 2.28
CA LEU B 67 -21.21 3.53 2.18
C LEU B 67 -20.64 4.94 2.06
N TYR B 68 -21.44 5.88 1.55
CA TYR B 68 -20.94 7.22 1.26
C TYR B 68 -21.84 8.33 1.79
N LYS B 69 -21.22 9.47 2.09
CA LYS B 69 -21.97 10.71 2.23
C LYS B 69 -22.15 11.27 0.82
N ILE B 70 -23.37 11.66 0.48
CA ILE B 70 -23.70 12.06 -0.90
C ILE B 70 -24.14 13.52 -1.00
N TYR B 71 -23.51 14.26 -1.91
CA TYR B 71 -23.84 15.68 -2.16
C TYR B 71 -24.18 15.95 -3.62
N TYR B 72 -25.41 16.38 -3.90
CA TYR B 72 -25.81 16.70 -5.25
C TYR B 72 -25.63 18.20 -5.51
N SER B 73 -25.14 18.55 -6.69
CA SER B 73 -24.86 19.96 -6.99
C SER B 73 -26.14 20.76 -7.11
N ASN B 74 -27.18 20.17 -7.68
CA ASN B 74 -28.34 20.95 -8.08
C ASN B 74 -29.53 20.06 -8.35
N LYS B 75 -29.89 19.26 -7.36
CA LYS B 75 -30.95 18.26 -7.52
C LYS B 75 -32.24 18.91 -7.99
N GLY B 76 -32.96 18.23 -8.88
CA GLY B 76 -34.20 18.79 -9.42
C GLY B 76 -33.97 19.51 -10.73
N CYS B 77 -32.73 19.91 -10.99
CA CYS B 77 -32.41 20.45 -12.31
C CYS B 77 -32.45 19.33 -13.35
N GLN B 78 -32.44 19.69 -14.64
CA GLN B 78 -32.48 18.68 -15.70
C GLN B 78 -31.38 17.62 -15.50
N TYR B 79 -30.17 18.09 -15.24
CA TYR B 79 -29.07 17.20 -14.84
C TYR B 79 -28.07 17.99 -14.00
N TYR B 80 -27.24 17.29 -13.24
CA TYR B 80 -26.39 17.94 -12.26
C TYR B 80 -25.29 16.97 -11.92
N THR B 81 -24.42 17.34 -10.98
CA THR B 81 -23.28 16.51 -10.61
C THR B 81 -23.43 16.01 -9.18
N ALA B 82 -22.53 15.13 -8.78
CA ALA B 82 -22.52 14.65 -7.40
C ALA B 82 -21.10 14.44 -6.91
N ILE B 83 -20.91 14.59 -5.59
CA ILE B 83 -19.70 14.15 -4.93
C ILE B 83 -20.06 13.19 -3.79
N LEU B 84 -19.48 12.00 -3.79
CA LEU B 84 -19.70 11.00 -2.73
C LEU B 84 -18.37 10.82 -2.01
N VAL B 85 -18.41 10.81 -0.68
CA VAL B 85 -17.18 10.62 0.08
C VAL B 85 -17.35 9.57 1.16
N SER B 86 -16.25 8.89 1.48
CA SER B 86 -16.24 7.94 2.60
C SER B 86 -16.85 8.59 3.83
N LYS B 87 -17.53 7.80 4.66
CA LYS B 87 -18.10 8.38 5.87
C LYS B 87 -17.03 8.88 6.86
N MET B 88 -15.77 8.52 6.65
CA MET B 88 -14.69 9.02 7.52
C MET B 88 -14.26 10.44 7.13
N PHE B 89 -14.71 10.89 5.97
CA PHE B 89 -14.46 12.26 5.49
C PHE B 89 -15.29 13.21 6.33
N ASP B 90 -14.62 14.15 6.99
CA ASP B 90 -15.30 15.14 7.81
C ASP B 90 -15.65 16.33 6.95
N VAL B 91 -16.93 16.48 6.63
CA VAL B 91 -17.36 17.56 5.73
C VAL B 91 -17.58 18.86 6.48
N GLU B 92 -16.93 19.91 6.02
CA GLU B 92 -17.06 21.23 6.61
C GLU B 92 -17.96 22.16 5.79
N LYS B 93 -17.82 22.14 4.46
CA LYS B 93 -18.60 23.03 3.60
C LYS B 93 -18.91 22.36 2.28
N HIS B 94 -20.09 22.63 1.75
CA HIS B 94 -20.46 22.25 0.40
C HIS B 94 -21.00 23.49 -0.29
N ASP B 95 -20.30 23.94 -1.33
CA ASP B 95 -20.70 25.13 -2.08
C ASP B 95 -20.80 24.81 -3.56
N VAL B 96 -21.81 25.36 -4.21
CA VAL B 96 -22.02 25.18 -5.63
C VAL B 96 -22.02 26.54 -6.32
N ILE B 97 -21.05 26.76 -7.19
CA ILE B 97 -20.96 27.99 -7.98
C ILE B 97 -21.50 27.76 -9.38
N HIS B 98 -22.54 28.49 -9.78
CA HIS B 98 -23.08 28.40 -11.15
C HIS B 98 -22.27 29.24 -12.14
N PHE B 99 -21.74 28.61 -13.20
CA PHE B 99 -21.00 29.38 -14.24
C PHE B 99 -21.93 30.37 -14.91
N GLN B 100 -21.57 31.65 -14.85
CA GLN B 100 -22.38 32.72 -15.45
C GLN B 100 -22.54 32.59 -16.95
N ASN B 101 -21.51 32.10 -17.61
CA ASN B 101 -21.51 32.02 -19.08
C ASN B 101 -22.11 30.73 -19.60
N SER B 102 -22.67 29.90 -18.72
CA SER B 102 -23.16 28.60 -19.16
C SER B 102 -24.61 28.64 -19.63
N GLY B 103 -24.87 27.98 -20.76
CA GLY B 103 -26.24 27.78 -21.22
C GLY B 103 -26.70 26.39 -20.89
N MET B 104 -25.90 25.65 -20.13
CA MET B 104 -26.17 24.23 -19.86
C MET B 104 -26.20 23.88 -18.36
N TYR B 105 -26.49 24.89 -17.55
CA TYR B 105 -26.63 24.74 -16.09
C TYR B 105 -25.37 24.20 -15.43
N ARG B 106 -24.21 24.50 -16.00
CA ARG B 106 -22.96 23.94 -15.47
C ARG B 106 -22.47 24.69 -14.23
N THR B 107 -21.78 23.96 -13.35
CA THR B 107 -21.43 24.47 -12.03
C THR B 107 -20.05 24.00 -11.62
N LEU B 108 -19.46 24.68 -10.65
CA LEU B 108 -18.29 24.16 -9.98
C LEU B 108 -18.74 23.76 -8.57
N GLN B 109 -18.72 22.46 -8.33
CA GLN B 109 -19.20 21.91 -7.06
C GLN B 109 -18.02 21.70 -6.17
N ILE B 110 -18.01 22.36 -5.01
CA ILE B 110 -16.85 22.32 -4.09
C ILE B 110 -17.20 21.75 -2.72
N LEU B 111 -16.53 20.67 -2.33
CA LEU B 111 -16.73 20.12 -0.99
C LEU B 111 -15.45 20.27 -0.21
N GLU B 112 -15.54 20.93 0.95
CA GLU B 112 -14.38 21.18 1.79
C GLU B 112 -14.50 20.38 3.08
N GLY B 113 -13.42 19.72 3.47
CA GLY B 113 -13.41 18.93 4.70
C GLY B 113 -12.04 18.41 5.09
N SER B 114 -12.02 17.26 5.76
CA SER B 114 -10.78 16.62 6.14
C SER B 114 -10.89 15.10 6.22
N ILE B 115 -9.76 14.43 6.02
CA ILE B 115 -9.62 12.98 6.20
C ILE B 115 -8.45 12.82 7.16
N GLY B 116 -8.72 12.27 8.34
CA GLY B 116 -7.70 12.24 9.37
C GLY B 116 -7.40 13.68 9.75
N GLY B 117 -6.13 14.05 9.75
CA GLY B 117 -5.76 15.40 10.11
C GLY B 117 -5.58 16.23 8.85
N LEU B 118 -5.89 15.61 7.70
CA LEU B 118 -5.58 16.26 6.44
C LEU B 118 -6.74 17.04 5.79
N LYS B 119 -6.50 18.32 5.55
CA LYS B 119 -7.46 19.20 4.89
C LYS B 119 -7.62 18.82 3.42
N VAL B 120 -8.85 18.70 2.96
CA VAL B 120 -9.10 18.27 1.58
C VAL B 120 -10.16 19.12 0.90
N PHE B 121 -9.83 19.60 -0.30
CA PHE B 121 -10.81 20.28 -1.14
C PHE B 121 -11.13 19.45 -2.38
N LEU B 122 -12.42 19.27 -2.64
CA LEU B 122 -12.89 18.53 -3.80
C LEU B 122 -13.68 19.47 -4.70
N LEU B 123 -13.25 19.56 -5.96
CA LEU B 123 -13.91 20.41 -6.95
C LEU B 123 -14.35 19.59 -8.16
N ASN B 124 -15.65 19.47 -8.35
CA ASN B 124 -16.21 18.62 -9.40
C ASN B 124 -16.97 19.47 -10.40
N THR B 125 -16.75 19.25 -11.69
CA THR B 125 -17.45 20.04 -12.69
C THR B 125 -17.72 19.26 -13.97
N HIS B 126 -18.65 19.77 -14.77
CA HIS B 126 -18.95 19.25 -16.09
C HIS B 126 -18.92 20.46 -17.01
N LEU B 127 -17.78 20.70 -17.66
CA LEU B 127 -17.62 21.93 -18.42
C LEU B 127 -18.45 21.94 -19.68
N GLU B 128 -18.74 23.14 -20.18
CA GLU B 128 -19.60 23.31 -21.35
C GLU B 128 -19.25 22.34 -22.46
N SER B 129 -20.28 21.73 -23.03
CA SER B 129 -20.16 20.63 -23.97
C SER B 129 -20.02 21.06 -25.44
N THR B 130 -19.40 20.18 -26.25
CA THR B 130 -19.31 20.29 -27.72
C THR B 130 -18.26 21.25 -28.24
N ARG B 131 -17.82 20.98 -29.46
CA ARG B 131 -16.83 21.81 -30.14
C ARG B 131 -17.29 23.27 -30.24
N GLU B 132 -18.57 23.49 -30.54
CA GLU B 132 -19.09 24.84 -30.71
C GLU B 132 -18.89 25.70 -29.46
N HIS B 133 -18.74 25.07 -28.30
CA HIS B 133 -18.72 25.83 -27.03
C HIS B 133 -17.34 25.96 -26.41
N ARG B 134 -16.32 25.85 -27.24
CA ARG B 134 -14.95 26.07 -26.82
C ARG B 134 -14.75 27.39 -26.07
N PRO B 135 -15.29 28.49 -26.61
CA PRO B 135 -15.07 29.75 -25.90
C PRO B 135 -15.51 29.66 -24.43
N GLN B 136 -16.73 29.20 -24.19
CA GLN B 136 -17.26 29.10 -22.83
C GLN B 136 -16.46 28.12 -21.98
N ARG B 137 -16.09 27.00 -22.58
CA ARG B 137 -15.38 25.95 -21.89
C ARG B 137 -14.00 26.41 -21.43
N CYS B 138 -13.28 27.10 -22.30
CA CYS B 138 -11.94 27.57 -21.94
C CYS B 138 -12.03 28.61 -20.84
N ALA B 139 -13.07 29.44 -20.90
CA ALA B 139 -13.29 30.43 -19.86
C ALA B 139 -13.57 29.74 -18.53
N GLN B 140 -14.40 28.70 -18.57
CA GLN B 140 -14.72 27.96 -17.34
C GLN B 140 -13.47 27.31 -16.75
N PHE B 141 -12.71 26.64 -17.60
CA PHE B 141 -11.51 25.96 -17.15
C PHE B 141 -10.59 26.96 -16.43
N GLY B 142 -10.37 28.11 -17.06
CA GLY B 142 -9.52 29.14 -16.47
C GLY B 142 -10.05 29.57 -15.12
N PHE B 143 -11.36 29.77 -15.06
CA PHE B 143 -12.01 30.14 -13.80
C PHE B 143 -11.77 29.06 -12.74
N CYS B 144 -11.90 27.80 -13.12
CA CYS B 144 -11.68 26.72 -12.16
C CYS B 144 -10.25 26.73 -11.67
N MET B 145 -9.32 26.93 -12.59
CA MET B 145 -7.91 26.94 -12.21
C MET B 145 -7.60 28.11 -11.28
N ASP B 146 -8.20 29.27 -11.54
CA ASP B 146 -8.06 30.40 -10.62
C ASP B 146 -8.59 30.06 -9.23
N LYS B 147 -9.73 29.38 -9.16
CA LYS B 147 -10.29 28.99 -7.87
C LYS B 147 -9.35 28.02 -7.15
N VAL B 148 -8.79 27.07 -7.90
CA VAL B 148 -7.78 26.18 -7.36
C VAL B 148 -6.60 26.98 -6.78
N ARG B 149 -6.16 27.97 -7.54
CA ARG B 149 -5.09 28.88 -7.09
C ARG B 149 -5.42 29.57 -5.77
N GLU B 150 -6.62 30.16 -5.67
CA GLU B 150 -7.04 30.79 -4.41
C GLU B 150 -6.99 29.80 -3.27
N ILE B 151 -7.59 28.63 -3.50
CA ILE B 151 -7.70 27.64 -2.44
C ILE B 151 -6.32 27.24 -1.93
N ILE B 152 -5.42 26.95 -2.85
CA ILE B 152 -4.09 26.54 -2.47
C ILE B 152 -3.43 27.65 -1.66
N ALA B 153 -3.59 28.89 -2.12
CA ALA B 153 -3.04 30.06 -1.44
C ALA B 153 -3.56 30.20 -0.01
N GLN B 154 -4.85 29.95 0.19
CA GLN B 154 -5.47 30.11 1.49
C GLN B 154 -5.29 28.88 2.39
N ASN B 155 -4.85 27.77 1.82
CA ASN B 155 -4.73 26.54 2.60
C ASN B 155 -3.48 25.77 2.26
N PRO B 156 -2.33 26.31 2.66
CA PRO B 156 -1.05 25.64 2.43
C PRO B 156 -1.05 24.27 3.11
N GLY B 157 -0.50 23.28 2.42
CA GLY B 157 -0.44 21.93 2.95
C GLY B 157 -1.68 21.11 2.64
N ALA B 158 -2.73 21.76 2.12
CA ALA B 158 -3.98 21.05 1.83
C ALA B 158 -3.86 20.15 0.61
N LEU B 159 -4.68 19.11 0.59
CA LEU B 159 -4.86 18.25 -0.57
C LEU B 159 -6.03 18.79 -1.41
N VAL B 160 -5.78 19.10 -2.68
CA VAL B 160 -6.82 19.63 -3.55
C VAL B 160 -7.00 18.74 -4.79
N PHE B 161 -8.24 18.31 -5.05
CA PHE B 161 -8.60 17.54 -6.24
C PHE B 161 -9.58 18.32 -7.10
N PHE B 162 -9.21 18.57 -8.35
CA PHE B 162 -10.12 19.21 -9.29
C PHE B 162 -10.25 18.40 -10.57
N GLY B 163 -11.48 18.17 -11.02
CA GLY B 163 -11.64 17.49 -12.29
C GLY B 163 -13.09 17.15 -12.55
N GLY B 164 -13.31 16.11 -13.36
CA GLY B 164 -14.65 15.74 -13.78
C GLY B 164 -14.68 15.53 -15.27
N ASP B 165 -15.83 15.78 -15.90
CA ASP B 165 -15.89 15.73 -17.35
C ASP B 165 -15.57 17.11 -17.86
N LEU B 166 -14.32 17.34 -18.25
CA LEU B 166 -13.89 18.68 -18.66
C LEU B 166 -14.10 18.97 -20.14
N ASN B 167 -14.48 17.94 -20.90
CA ASN B 167 -14.80 18.14 -22.31
C ASN B 167 -13.66 18.76 -23.11
N LEU B 168 -12.43 18.49 -22.67
CA LEU B 168 -11.26 19.15 -23.23
C LEU B 168 -10.67 18.51 -24.48
N ARG B 169 -10.23 19.35 -25.41
CA ARG B 169 -9.21 18.98 -26.39
C ARG B 169 -7.89 19.50 -25.81
N ASP B 170 -6.78 18.79 -26.06
CA ASP B 170 -5.50 19.14 -25.41
C ASP B 170 -5.08 20.62 -25.56
N GLU B 171 -5.32 21.17 -26.75
CA GLU B 171 -4.96 22.55 -27.06
C GLU B 171 -5.75 23.60 -26.27
N GLU B 172 -6.81 23.17 -25.61
CA GLU B 172 -7.67 24.09 -24.86
C GLU B 172 -7.14 24.36 -23.44
N VAL B 173 -6.22 23.52 -22.97
CA VAL B 173 -5.73 23.66 -21.60
C VAL B 173 -4.86 24.89 -21.44
N SER B 174 -5.27 25.77 -20.54
CA SER B 174 -4.59 27.05 -20.34
C SER B 174 -3.72 27.07 -19.08
N ARG B 175 -3.94 28.09 -18.25
CA ARG B 175 -3.06 28.40 -17.13
C ARG B 175 -3.22 27.53 -15.88
N VAL B 176 -2.60 26.35 -15.92
CA VAL B 176 -2.54 25.45 -14.76
C VAL B 176 -1.41 25.88 -13.81
N PRO B 177 -1.74 26.14 -12.53
CA PRO B 177 -0.76 26.63 -11.57
C PRO B 177 0.35 25.61 -11.31
N ASP B 178 1.55 26.09 -11.01
CA ASP B 178 2.64 25.20 -10.65
C ASP B 178 2.26 24.45 -9.37
N GLY B 179 2.62 23.19 -9.30
CA GLY B 179 2.22 22.36 -8.16
C GLY B 179 0.99 21.53 -8.47
N VAL B 180 0.19 21.97 -9.45
CA VAL B 180 -1.00 21.25 -9.86
C VAL B 180 -0.69 20.34 -11.05
N LYS B 181 -0.96 19.04 -10.88
CA LYS B 181 -0.61 18.08 -11.91
C LYS B 181 -1.82 17.27 -12.38
N ASP B 182 -1.76 16.78 -13.61
CA ASP B 182 -2.80 15.93 -14.18
C ASP B 182 -2.53 14.49 -13.76
N ALA B 183 -3.47 13.86 -13.07
CA ALA B 183 -3.26 12.50 -12.56
C ALA B 183 -2.85 11.50 -13.64
N TRP B 184 -3.52 11.54 -14.79
CA TRP B 184 -3.19 10.61 -15.85
C TRP B 184 -1.74 10.75 -16.31
N GLU B 185 -1.27 11.99 -16.47
CA GLU B 185 0.11 12.26 -16.85
C GLU B 185 1.13 11.80 -15.80
N ALA B 186 0.90 12.16 -14.54
CA ALA B 186 1.81 11.81 -13.47
C ALA B 186 1.94 10.29 -13.30
N ALA B 187 0.92 9.55 -13.71
CA ALA B 187 0.92 8.11 -13.61
C ALA B 187 1.70 7.43 -14.74
N GLY B 188 2.10 8.22 -15.73
CA GLY B 188 2.93 7.71 -16.82
C GLY B 188 2.41 8.00 -18.23
N SER B 189 1.32 8.76 -18.35
CA SER B 189 0.73 9.02 -19.66
C SER B 189 0.59 7.72 -20.45
N ASP B 190 0.02 6.70 -19.80
CA ASP B 190 -0.17 5.38 -20.41
C ASP B 190 -1.25 5.39 -21.50
N ASN B 191 -0.90 4.96 -22.71
CA ASN B 191 -1.86 4.95 -23.81
C ASN B 191 -3.10 4.12 -23.56
N LYS B 192 -2.97 3.09 -22.74
CA LYS B 192 -4.06 2.15 -22.47
C LYS B 192 -5.16 2.76 -21.62
N THR B 193 -4.84 3.86 -20.92
CA THR B 193 -5.80 4.48 -20.03
C THR B 193 -6.06 5.92 -20.45
N LYS B 194 -5.75 6.23 -21.70
CA LYS B 194 -5.78 7.62 -22.17
C LYS B 194 -7.19 8.12 -22.47
N PHE B 195 -7.90 7.43 -23.35
CA PHE B 195 -9.18 7.95 -23.81
C PHE B 195 -10.33 7.55 -22.91
N THR B 196 -11.14 8.51 -22.50
CA THR B 196 -12.18 8.23 -21.52
C THR B 196 -13.56 8.24 -22.17
N TRP B 197 -13.59 8.73 -23.41
CA TRP B 197 -14.77 8.75 -24.26
C TRP B 197 -14.31 8.27 -25.62
N ASP B 198 -14.66 7.02 -25.93
CA ASP B 198 -14.09 6.33 -27.09
C ASP B 198 -15.18 5.67 -27.90
N THR B 199 -15.71 6.36 -28.90
CA THR B 199 -16.82 5.82 -29.68
C THR B 199 -16.39 4.70 -30.63
N PHE B 200 -15.08 4.46 -30.71
CA PHE B 200 -14.58 3.31 -31.44
C PHE B 200 -14.92 2.05 -30.63
N LYS B 201 -14.62 2.08 -29.34
CA LYS B 201 -14.83 0.90 -28.50
C LYS B 201 -16.16 0.90 -27.77
N ASN B 202 -16.72 2.08 -27.55
CA ASN B 202 -18.01 2.19 -26.87
C ASN B 202 -19.11 2.45 -27.88
N ASP B 203 -20.11 1.57 -27.97
CA ASP B 203 -21.16 1.76 -28.98
C ASP B 203 -22.49 2.25 -28.41
N ASN B 204 -22.45 2.83 -27.22
CA ASN B 204 -23.64 3.45 -26.66
C ASN B 204 -24.17 4.56 -27.57
N LYS B 205 -23.25 5.32 -28.16
CA LYS B 205 -23.65 6.38 -29.10
C LYS B 205 -23.27 6.04 -30.54
N GLN B 206 -24.20 6.24 -31.46
CA GLN B 206 -23.95 5.99 -32.87
C GLN B 206 -23.69 7.28 -33.66
N GLY B 207 -22.89 7.18 -34.71
CA GLY B 207 -22.71 8.28 -35.64
C GLY B 207 -21.43 9.08 -35.52
N PHE B 208 -20.64 8.85 -34.47
CA PHE B 208 -19.40 9.59 -34.28
C PHE B 208 -18.18 8.98 -34.98
N HIS B 209 -18.35 7.80 -35.54
CA HIS B 209 -17.33 7.17 -36.34
C HIS B 209 -15.94 7.16 -35.70
N GLY B 210 -15.82 6.50 -34.55
CA GLY B 210 -14.51 6.23 -33.97
C GLY B 210 -13.81 7.36 -33.24
N ALA B 211 -14.45 8.52 -33.09
CA ALA B 211 -13.81 9.61 -32.35
C ALA B 211 -13.50 9.18 -30.92
N LYS B 212 -12.31 9.55 -30.44
CA LYS B 212 -11.91 9.25 -29.06
C LYS B 212 -11.27 10.50 -28.44
N MET B 213 -11.62 10.79 -27.19
CA MET B 213 -11.12 11.99 -26.52
C MET B 213 -10.79 11.70 -25.07
N ARG B 214 -9.90 12.49 -24.50
CA ARG B 214 -9.62 12.45 -23.06
C ARG B 214 -10.37 13.61 -22.38
N PHE B 215 -11.69 13.46 -22.33
CA PHE B 215 -12.60 14.47 -21.79
C PHE B 215 -12.54 14.53 -20.27
N ASP B 216 -12.35 13.36 -19.66
CA ASP B 216 -12.40 13.23 -18.22
C ASP B 216 -11.01 13.25 -17.60
N ARG B 217 -10.79 14.18 -16.67
CA ARG B 217 -9.46 14.36 -16.09
C ARG B 217 -9.57 14.70 -14.62
N LEU B 218 -8.49 14.42 -13.89
CA LEU B 218 -8.36 14.78 -12.49
C LEU B 218 -7.03 15.47 -12.30
N TYR B 219 -7.09 16.64 -11.67
CA TYR B 219 -5.90 17.39 -11.30
C TYR B 219 -5.76 17.38 -9.79
N TRP B 220 -4.52 17.44 -9.32
CA TRP B 220 -4.34 17.53 -7.88
C TRP B 220 -3.13 18.34 -7.46
N SER B 221 -3.21 18.84 -6.22
CA SER B 221 -2.08 19.48 -5.56
C SER B 221 -2.08 19.01 -4.12
N GLY B 222 -0.91 18.93 -3.51
CA GLY B 222 -0.83 18.51 -2.12
C GLY B 222 0.35 17.60 -1.84
N PRO B 223 0.44 17.14 -0.57
CA PRO B 223 1.57 16.41 0.02
C PRO B 223 1.69 14.97 -0.46
N LEU B 224 0.87 14.60 -1.45
CA LEU B 224 0.98 13.30 -2.09
C LEU B 224 1.60 13.45 -3.48
N ASP B 225 2.71 12.77 -3.73
CA ASP B 225 3.44 12.97 -4.98
C ASP B 225 3.32 11.80 -5.97
N LYS B 226 2.78 10.67 -5.53
CA LYS B 226 2.65 9.52 -6.43
C LYS B 226 1.19 9.18 -6.77
N VAL B 227 0.97 8.61 -7.95
CA VAL B 227 -0.38 8.31 -8.42
C VAL B 227 -0.46 7.07 -9.30
N LYS B 228 -1.50 6.25 -9.08
CA LYS B 228 -1.83 5.18 -10.01
C LYS B 228 -3.14 5.56 -10.69
N PHE B 229 -3.33 5.13 -11.94
CA PHE B 229 -4.48 5.56 -12.74
C PHE B 229 -5.02 4.43 -13.62
N THR B 230 -6.31 4.09 -13.44
CA THR B 230 -6.96 3.09 -14.28
C THR B 230 -8.32 3.58 -14.78
N LEU B 231 -8.87 2.87 -15.76
CA LEU B 231 -10.20 3.13 -16.27
C LEU B 231 -11.15 2.06 -15.74
N GLU B 232 -12.41 2.40 -15.55
CA GLU B 232 -13.41 1.45 -15.03
C GLU B 232 -14.71 1.58 -15.82
N GLY B 233 -15.65 0.65 -15.60
CA GLY B 233 -16.93 0.65 -16.31
C GLY B 233 -16.81 0.25 -17.77
N ARG B 234 -15.81 -0.58 -18.07
CA ARG B 234 -15.56 -0.95 -19.46
C ARG B 234 -16.25 -2.25 -19.90
N GLN B 235 -17.06 -2.83 -19.04
CA GLN B 235 -17.72 -4.09 -19.36
C GLN B 235 -19.16 -3.86 -19.80
N ARG B 236 -19.59 -4.54 -20.87
CA ARG B 236 -20.97 -4.42 -21.35
C ARG B 236 -21.90 -5.01 -20.33
N ILE B 237 -23.09 -4.43 -20.17
CA ILE B 237 -24.09 -5.03 -19.28
C ILE B 237 -24.78 -6.16 -20.02
N ARG B 238 -24.87 -7.32 -19.39
CA ARG B 238 -25.37 -8.50 -20.07
C ARG B 238 -26.83 -8.37 -20.46
N SER B 239 -27.68 -7.92 -19.54
CA SER B 239 -29.13 -7.92 -19.80
C SER B 239 -29.59 -7.02 -20.95
N CYS B 240 -28.87 -5.93 -21.19
CA CYS B 240 -29.32 -4.97 -22.19
C CYS B 240 -28.26 -4.69 -23.23
N LEU B 241 -27.09 -5.32 -23.08
CA LEU B 241 -26.04 -5.23 -24.12
C LEU B 241 -25.49 -3.82 -24.38
N CYS B 242 -25.59 -2.93 -23.41
CA CYS B 242 -24.95 -1.62 -23.54
C CYS B 242 -23.95 -1.42 -22.41
N PHE B 243 -23.10 -0.41 -22.54
CA PHE B 243 -22.21 -0.08 -21.42
C PHE B 243 -22.99 0.80 -20.44
N PRO B 244 -22.54 0.86 -19.17
CA PRO B 244 -23.22 1.72 -18.20
C PRO B 244 -23.33 3.16 -18.69
N SER B 245 -22.30 3.62 -19.41
CA SER B 245 -22.25 5.00 -19.91
C SER B 245 -21.49 5.08 -21.22
N ASP B 246 -21.64 6.18 -21.94
CA ASP B 246 -20.80 6.38 -23.12
C ASP B 246 -19.38 6.79 -22.72
N HIS B 247 -19.19 7.12 -21.44
CA HIS B 247 -17.85 7.38 -20.88
C HIS B 247 -17.33 6.21 -20.07
N TRP B 248 -16.02 6.00 -20.10
CA TRP B 248 -15.35 5.16 -19.12
C TRP B 248 -15.20 6.00 -17.84
N ALA B 249 -15.13 5.35 -16.69
CA ALA B 249 -14.84 6.06 -15.45
C ALA B 249 -13.33 6.14 -15.32
N ILE B 250 -12.81 7.22 -14.73
CA ILE B 250 -11.39 7.26 -14.40
C ILE B 250 -11.23 7.02 -12.91
N ASN B 251 -10.14 6.37 -12.52
CA ASN B 251 -9.96 5.97 -11.13
C ASN B 251 -8.48 6.20 -10.73
N ALA B 252 -8.24 7.21 -9.90
CA ALA B 252 -6.87 7.58 -9.53
C ALA B 252 -6.60 7.32 -8.06
N THR B 253 -5.45 6.71 -7.77
CA THR B 253 -5.05 6.46 -6.40
C THR B 253 -3.82 7.30 -6.07
N PHE B 254 -3.95 8.15 -5.05
CA PHE B 254 -2.87 9.07 -4.68
C PHE B 254 -2.21 8.59 -3.38
N PHE B 255 -0.88 8.63 -3.36
CA PHE B 255 -0.14 8.20 -2.18
C PHE B 255 1.24 8.85 -2.08
N ALA B 256 1.88 8.67 -0.94
CA ALA B 256 3.19 9.29 -0.70
C ALA B 256 4.30 8.26 -0.84
N ALA C 6 -25.66 -28.38 -7.64
CA ALA C 6 -25.72 -29.33 -6.53
C ALA C 6 -24.53 -30.28 -6.55
N GLU C 7 -23.93 -30.42 -7.72
CA GLU C 7 -22.65 -31.11 -7.88
C GLU C 7 -21.70 -30.09 -8.46
N ASP C 8 -22.28 -28.96 -8.87
CA ASP C 8 -21.54 -27.76 -9.20
C ASP C 8 -20.69 -27.39 -8.00
N LEU C 9 -21.12 -27.87 -6.83
CA LEU C 9 -20.50 -27.48 -5.56
C LEU C 9 -19.44 -28.46 -5.04
N LYS C 10 -19.27 -29.59 -5.71
CA LYS C 10 -18.21 -30.50 -5.31
C LYS C 10 -16.85 -29.81 -5.40
N GLY C 11 -16.05 -29.92 -4.34
CA GLY C 11 -14.77 -29.23 -4.28
C GLY C 11 -14.86 -27.78 -3.84
N PHE C 12 -16.08 -27.28 -3.63
CA PHE C 12 -16.26 -25.89 -3.24
C PHE C 12 -16.03 -25.68 -1.74
N GLU C 13 -15.30 -24.63 -1.41
CA GLU C 13 -14.97 -24.33 -0.02
C GLU C 13 -14.82 -22.83 0.20
N VAL C 14 -15.32 -22.36 1.34
CA VAL C 14 -15.22 -20.95 1.69
C VAL C 14 -14.93 -20.79 3.16
N SER C 15 -13.95 -19.95 3.47
CA SER C 15 -13.56 -19.71 4.86
C SER C 15 -14.04 -18.35 5.37
N VAL C 16 -14.59 -18.37 6.58
CA VAL C 16 -15.11 -17.17 7.22
C VAL C 16 -14.44 -17.02 8.58
N MET C 17 -13.85 -15.84 8.81
CA MET C 17 -13.15 -15.53 10.05
C MET C 17 -13.87 -14.36 10.71
N SER C 18 -13.99 -14.38 12.03
CA SER C 18 -14.65 -13.29 12.75
C SER C 18 -13.83 -12.89 13.96
N TRP C 19 -13.71 -11.59 14.22
CA TRP C 19 -12.82 -11.15 15.28
C TRP C 19 -13.23 -9.80 15.82
N ASN C 20 -13.46 -9.76 17.13
CA ASN C 20 -13.58 -8.49 17.80
C ASN C 20 -12.18 -8.06 18.12
N ILE C 21 -11.68 -7.01 17.49
CA ILE C 21 -10.27 -6.67 17.63
C ILE C 21 -9.97 -5.66 18.75
N ASP C 22 -10.97 -5.37 19.58
CA ASP C 22 -10.74 -4.56 20.78
C ASP C 22 -10.07 -3.24 20.44
N GLY C 23 -10.57 -2.56 19.41
CA GLY C 23 -10.03 -1.27 19.02
C GLY C 23 -10.21 -0.22 20.13
N LEU C 24 -11.12 -0.47 21.06
CA LEU C 24 -11.36 0.48 22.14
C LEU C 24 -10.28 0.47 23.23
N ASP C 25 -9.40 -0.53 23.19
CA ASP C 25 -8.24 -0.57 24.10
C ASP C 25 -7.05 0.09 23.41
N GLY C 26 -6.63 1.24 23.94
CA GLY C 26 -5.61 2.01 23.27
C GLY C 26 -4.19 1.52 23.48
N ARG C 27 -3.97 0.69 24.49
CA ARG C 27 -2.62 0.21 24.78
C ARG C 27 -2.05 -0.68 23.67
N SER C 28 -0.90 -0.29 23.13
CA SER C 28 -0.25 -1.05 22.06
C SER C 28 -1.19 -1.25 20.87
N LEU C 29 -2.10 -0.31 20.67
CA LEU C 29 -3.08 -0.45 19.58
C LEU C 29 -2.41 -0.63 18.22
N LEU C 30 -1.47 0.24 17.86
CA LEU C 30 -0.85 0.12 16.53
C LEU C 30 -0.16 -1.22 16.35
N THR C 31 0.64 -1.64 17.33
CA THR C 31 1.29 -2.94 17.24
C THR C 31 0.26 -4.06 17.17
N ARG C 32 -0.79 -3.94 17.96
CA ARG C 32 -1.82 -4.96 17.93
C ARG C 32 -2.54 -4.98 16.56
N MET C 33 -2.80 -3.83 15.96
CA MET C 33 -3.46 -3.86 14.65
C MET C 33 -2.55 -4.47 13.56
N LYS C 34 -1.25 -4.22 13.65
CA LYS C 34 -0.31 -4.91 12.76
C LYS C 34 -0.37 -6.41 12.98
N ALA C 35 -0.47 -6.83 14.25
CA ALA C 35 -0.61 -8.26 14.54
C ALA C 35 -1.90 -8.81 13.93
N VAL C 36 -3.00 -8.09 14.07
CA VAL C 36 -4.25 -8.56 13.45
C VAL C 36 -4.10 -8.76 11.95
N ALA C 37 -3.57 -7.76 11.25
CA ALA C 37 -3.40 -7.89 9.82
C ALA C 37 -2.44 -9.02 9.49
N HIS C 38 -1.39 -9.19 10.29
CA HIS C 38 -0.44 -10.29 10.09
C HIS C 38 -1.13 -11.64 10.20
N ILE C 39 -1.96 -11.82 11.22
CA ILE C 39 -2.65 -13.10 11.41
C ILE C 39 -3.67 -13.35 10.28
N VAL C 40 -4.40 -12.31 9.88
CA VAL C 40 -5.30 -12.43 8.74
C VAL C 40 -4.57 -12.92 7.47
N LYS C 41 -3.41 -12.35 7.17
CA LYS C 41 -2.68 -12.77 5.98
C LYS C 41 -2.21 -14.22 6.04
N ASN C 42 -1.97 -14.72 7.24
CA ASN C 42 -1.54 -16.12 7.41
C ASN C 42 -2.68 -17.12 7.40
N VAL C 43 -3.83 -16.72 7.93
CA VAL C 43 -5.02 -17.54 7.85
C VAL C 43 -5.60 -17.47 6.43
N ASN C 44 -5.53 -16.29 5.81
CA ASN C 44 -5.99 -16.08 4.45
C ASN C 44 -7.47 -16.47 4.22
N PRO C 45 -8.37 -15.94 5.06
CA PRO C 45 -9.80 -16.25 4.90
C PRO C 45 -10.38 -15.56 3.66
N ASP C 46 -11.44 -16.12 3.10
CA ASP C 46 -12.12 -15.49 1.97
C ASP C 46 -12.94 -14.32 2.47
N ILE C 47 -13.44 -14.48 3.69
CA ILE C 47 -14.36 -13.54 4.29
C ILE C 47 -13.98 -13.28 5.75
N LEU C 48 -13.99 -12.01 6.13
CA LEU C 48 -13.64 -11.64 7.50
C LEU C 48 -14.63 -10.63 8.07
N PHE C 49 -15.22 -10.98 9.21
CA PHE C 49 -16.01 -10.06 9.99
C PHE C 49 -15.14 -9.45 11.11
N LEU C 50 -15.14 -8.13 11.23
CA LEU C 50 -14.47 -7.46 12.37
C LEU C 50 -15.48 -6.71 13.20
N GLN C 51 -15.25 -6.65 14.51
CA GLN C 51 -16.02 -5.76 15.39
C GLN C 51 -15.10 -4.93 16.28
N GLU C 52 -15.62 -3.84 16.82
CA GLU C 52 -14.82 -2.89 17.58
C GLU C 52 -13.62 -2.39 16.79
N VAL C 53 -13.84 -2.04 15.54
CA VAL C 53 -12.84 -1.36 14.74
C VAL C 53 -12.90 0.14 15.08
N VAL C 54 -11.75 0.81 15.18
CA VAL C 54 -11.72 2.26 15.41
C VAL C 54 -10.86 2.95 14.35
N ASP C 55 -11.04 4.26 14.19
CA ASP C 55 -10.26 5.02 13.20
C ASP C 55 -8.76 5.05 13.55
N ARG C 56 -8.47 5.19 14.83
CA ARG C 56 -7.07 5.36 15.25
C ARG C 56 -6.22 4.15 14.92
N ASP C 57 -5.11 4.37 14.22
CA ASP C 57 -4.17 3.29 13.90
C ASP C 57 -4.81 2.20 13.03
N LEU C 58 -5.72 2.58 12.15
CA LEU C 58 -6.42 1.63 11.31
C LEU C 58 -5.58 1.20 10.12
N ALA C 59 -4.51 1.95 9.88
CA ALA C 59 -3.70 1.76 8.66
C ALA C 59 -3.34 0.30 8.36
N PRO C 60 -2.86 -0.45 9.37
CA PRO C 60 -2.57 -1.83 8.97
C PRO C 60 -3.83 -2.57 8.48
N ILE C 61 -4.99 -2.23 9.02
CA ILE C 61 -6.24 -2.85 8.54
C ILE C 61 -6.61 -2.34 7.14
N ASP C 62 -6.61 -1.01 6.96
CA ASP C 62 -6.94 -0.46 5.64
C ASP C 62 -6.03 -0.97 4.52
N LYS C 63 -4.78 -1.24 4.84
CA LYS C 63 -3.84 -1.73 3.83
C LYS C 63 -4.25 -3.09 3.29
N LEU C 64 -5.12 -3.79 4.00
CA LEU C 64 -5.61 -5.07 3.49
C LEU C 64 -6.45 -4.86 2.23
N GLN C 65 -6.71 -3.60 1.87
CA GLN C 65 -7.54 -3.37 0.66
C GLN C 65 -6.82 -3.80 -0.63
N SER C 66 -5.53 -4.10 -0.53
CA SER C 66 -4.85 -4.62 -1.71
C SER C 66 -5.30 -6.05 -1.96
N LEU C 67 -5.79 -6.72 -0.91
CA LEU C 67 -6.18 -8.12 -1.01
C LEU C 67 -7.70 -8.31 -0.89
N TYR C 68 -8.37 -7.35 -0.25
CA TYR C 68 -9.78 -7.47 0.08
C TYR C 68 -10.56 -6.22 -0.31
N LYS C 69 -11.85 -6.41 -0.61
CA LYS C 69 -12.80 -5.31 -0.61
C LYS C 69 -13.25 -5.13 0.84
N ILE C 70 -13.21 -3.90 1.35
CA ILE C 70 -13.49 -3.66 2.77
C ILE C 70 -14.70 -2.74 2.95
N TYR C 71 -15.67 -3.19 3.73
CA TYR C 71 -16.88 -2.39 3.97
C TYR C 71 -17.06 -2.13 5.45
N TYR C 72 -17.04 -0.85 5.81
CA TYR C 72 -17.21 -0.44 7.20
C TYR C 72 -18.67 -0.08 7.46
N SER C 73 -19.17 -0.46 8.63
CA SER C 73 -20.57 -0.23 8.95
C SER C 73 -20.87 1.25 9.11
N ASN C 74 -19.91 1.99 9.65
CA ASN C 74 -20.16 3.38 10.03
C ASN C 74 -18.82 4.07 10.32
N LYS C 75 -17.96 4.09 9.31
CA LYS C 75 -16.61 4.59 9.51
C LYS C 75 -16.67 6.01 10.05
N GLY C 76 -15.75 6.31 10.97
CA GLY C 76 -15.72 7.63 11.59
C GLY C 76 -16.47 7.74 12.89
N CYS C 77 -17.41 6.82 13.15
CA CYS C 77 -18.07 6.75 14.47
C CYS C 77 -17.06 6.26 15.51
N GLN C 78 -17.43 6.31 16.78
CA GLN C 78 -16.49 5.94 17.85
C GLN C 78 -15.87 4.56 17.59
N TYR C 79 -16.71 3.56 17.33
CA TYR C 79 -16.26 2.22 16.88
C TYR C 79 -17.33 1.60 16.00
N TYR C 80 -16.95 0.61 15.19
CA TYR C 80 -17.87 0.10 14.19
C TYR C 80 -17.42 -1.30 13.71
N THR C 81 -18.15 -1.87 12.77
CA THR C 81 -17.80 -3.18 12.30
C THR C 81 -17.30 -3.11 10.87
N ALA C 82 -16.74 -4.21 10.41
CA ALA C 82 -16.28 -4.29 9.03
C ALA C 82 -16.58 -5.68 8.50
N ILE C 83 -16.80 -5.75 7.19
CA ILE C 83 -16.82 -7.01 6.49
C ILE C 83 -15.80 -6.88 5.36
N LEU C 84 -14.85 -7.81 5.33
CA LEU C 84 -13.84 -7.87 4.28
C LEU C 84 -14.10 -9.10 3.42
N VAL C 85 -14.08 -8.95 2.11
CA VAL C 85 -14.22 -10.11 1.24
C VAL C 85 -13.17 -10.16 0.16
N SER C 86 -12.82 -11.38 -0.25
CA SER C 86 -11.90 -11.56 -1.38
C SER C 86 -12.38 -10.71 -2.54
N LYS C 87 -11.45 -10.23 -3.36
CA LYS C 87 -11.84 -9.42 -4.52
C LYS C 87 -12.61 -10.22 -5.54
N MET C 88 -12.59 -11.55 -5.41
CA MET C 88 -13.36 -12.37 -6.33
C MET C 88 -14.84 -12.37 -5.91
N PHE C 89 -15.12 -11.90 -4.70
CA PHE C 89 -16.50 -11.74 -4.24
C PHE C 89 -17.14 -10.59 -5.03
N ASP C 90 -18.26 -10.87 -5.70
CA ASP C 90 -19.01 -9.86 -6.45
C ASP C 90 -20.08 -9.23 -5.53
N VAL C 91 -19.87 -7.98 -5.13
CA VAL C 91 -20.76 -7.31 -4.19
C VAL C 91 -21.96 -6.72 -4.92
N GLU C 92 -23.16 -7.02 -4.41
CA GLU C 92 -24.40 -6.48 -4.99
C GLU C 92 -25.09 -5.41 -4.12
N LYS C 93 -25.11 -5.63 -2.81
CA LYS C 93 -25.76 -4.69 -1.88
C LYS C 93 -25.01 -4.61 -0.56
N HIS C 94 -25.02 -3.43 0.04
CA HIS C 94 -24.53 -3.20 1.39
C HIS C 94 -25.58 -2.44 2.19
N ASP C 95 -26.04 -3.02 3.29
CA ASP C 95 -27.02 -2.37 4.17
C ASP C 95 -26.55 -2.37 5.61
N VAL C 96 -26.85 -1.27 6.30
CA VAL C 96 -26.58 -1.19 7.71
C VAL C 96 -27.89 -0.85 8.43
N ILE C 97 -28.37 -1.78 9.25
CA ILE C 97 -29.58 -1.56 10.05
C ILE C 97 -29.20 -1.23 11.49
N HIS C 98 -29.61 -0.05 11.96
CA HIS C 98 -29.39 0.34 13.36
C HIS C 98 -30.44 -0.25 14.30
N PHE C 99 -30.01 -1.00 15.31
CA PHE C 99 -30.94 -1.53 16.30
C PHE C 99 -31.57 -0.35 17.05
N GLN C 100 -32.89 -0.19 17.00
CA GLN C 100 -33.49 0.95 17.73
C GLN C 100 -33.28 0.86 19.23
N ASN C 101 -33.27 -0.36 19.76
CA ASN C 101 -33.20 -0.56 21.20
C ASN C 101 -31.77 -0.49 21.73
N SER C 102 -30.82 -0.10 20.87
CA SER C 102 -29.42 -0.08 21.29
C SER C 102 -28.99 1.27 21.85
N GLY C 103 -28.33 1.26 23.00
CA GLY C 103 -27.75 2.49 23.51
C GLY C 103 -26.30 2.64 23.14
N MET C 104 -25.82 1.71 22.30
CA MET C 104 -24.41 1.71 21.95
C MET C 104 -24.20 1.72 20.43
N TYR C 105 -25.18 2.24 19.70
CA TYR C 105 -25.07 2.36 18.25
C TYR C 105 -24.79 1.04 17.54
N ARG C 106 -25.33 -0.04 18.06
CA ARG C 106 -25.05 -1.34 17.48
C ARG C 106 -25.90 -1.57 16.24
N THR C 107 -25.38 -2.33 15.29
CA THR C 107 -25.99 -2.47 13.97
C THR C 107 -25.91 -3.90 13.50
N LEU C 108 -26.72 -4.20 12.51
CA LEU C 108 -26.59 -5.42 11.73
C LEU C 108 -26.07 -4.97 10.37
N GLN C 109 -24.86 -5.38 10.04
CA GLN C 109 -24.23 -5.03 8.78
C GLN C 109 -24.44 -6.17 7.80
N ILE C 110 -25.07 -5.89 6.65
CA ILE C 110 -25.40 -6.94 5.70
C ILE C 110 -24.77 -6.73 4.34
N LEU C 111 -23.96 -7.68 3.90
CA LEU C 111 -23.38 -7.62 2.56
C LEU C 111 -23.92 -8.77 1.74
N GLU C 112 -24.51 -8.44 0.59
CA GLU C 112 -25.06 -9.45 -0.30
C GLU C 112 -24.25 -9.47 -1.58
N GLY C 113 -23.94 -10.67 -2.06
CA GLY C 113 -23.21 -10.81 -3.31
C GLY C 113 -23.16 -12.24 -3.78
N SER C 114 -22.11 -12.59 -4.50
CA SER C 114 -21.91 -13.98 -4.90
C SER C 114 -20.43 -14.28 -5.03
N ILE C 115 -20.06 -15.53 -4.78
CA ILE C 115 -18.70 -15.93 -5.03
C ILE C 115 -18.68 -17.26 -5.78
N GLY C 116 -18.09 -17.26 -6.96
CA GLY C 116 -18.07 -18.45 -7.81
C GLY C 116 -19.43 -18.90 -8.30
N GLY C 117 -20.34 -17.95 -8.44
CA GLY C 117 -21.69 -18.25 -8.92
C GLY C 117 -22.69 -18.61 -7.82
N LEU C 118 -22.21 -18.63 -6.57
CA LEU C 118 -23.06 -18.97 -5.43
C LEU C 118 -23.50 -17.67 -4.74
N LYS C 119 -24.80 -17.49 -4.57
CA LYS C 119 -25.33 -16.31 -3.88
C LYS C 119 -24.91 -16.37 -2.41
N VAL C 120 -24.42 -15.25 -1.88
CA VAL C 120 -23.99 -15.20 -0.48
C VAL C 120 -24.51 -13.98 0.28
N PHE C 121 -25.11 -14.23 1.43
CA PHE C 121 -25.50 -13.18 2.34
C PHE C 121 -24.62 -13.24 3.58
N LEU C 122 -24.07 -12.08 3.93
CA LEU C 122 -23.20 -11.93 5.09
C LEU C 122 -23.83 -10.96 6.08
N LEU C 123 -24.07 -11.40 7.30
CA LEU C 123 -24.62 -10.53 8.34
C LEU C 123 -23.65 -10.49 9.53
N ASN C 124 -23.07 -9.32 9.78
CA ASN C 124 -22.08 -9.14 10.82
C ASN C 124 -22.62 -8.24 11.90
N THR C 125 -22.47 -8.64 13.15
CA THR C 125 -23.00 -7.77 14.20
C THR C 125 -22.17 -7.83 15.47
N HIS C 126 -22.38 -6.83 16.32
CA HIS C 126 -21.79 -6.77 17.64
C HIS C 126 -22.92 -6.44 18.60
N LEU C 127 -23.50 -7.46 19.22
CA LEU C 127 -24.69 -7.28 20.07
C LEU C 127 -24.42 -6.54 21.38
N GLU C 128 -25.48 -5.95 21.93
CA GLU C 128 -25.38 -5.12 23.13
C GLU C 128 -24.54 -5.80 24.21
N SER C 129 -23.66 -5.02 24.85
CA SER C 129 -22.66 -5.54 25.78
C SER C 129 -23.17 -5.64 27.23
N THR C 130 -22.56 -6.56 27.99
CA THR C 130 -22.80 -6.75 29.42
C THR C 130 -24.04 -7.55 29.83
N ARG C 131 -23.93 -8.19 30.98
CA ARG C 131 -25.02 -8.96 31.57
C ARG C 131 -26.26 -8.09 31.74
N GLU C 132 -26.03 -6.84 32.12
CA GLU C 132 -27.10 -5.90 32.41
C GLU C 132 -28.05 -5.71 31.21
N HIS C 133 -27.54 -5.93 30.00
CA HIS C 133 -28.35 -5.65 28.81
C HIS C 133 -28.85 -6.89 28.09
N ARG C 134 -29.00 -7.98 28.84
CA ARG C 134 -29.56 -9.21 28.28
C ARG C 134 -30.87 -8.97 27.51
N PRO C 135 -31.78 -8.18 28.09
CA PRO C 135 -33.03 -7.90 27.38
C PRO C 135 -32.78 -7.34 25.99
N GLN C 136 -31.97 -6.28 25.89
CA GLN C 136 -31.68 -5.66 24.61
C GLN C 136 -30.96 -6.64 23.66
N ARG C 137 -30.03 -7.40 24.21
CA ARG C 137 -29.24 -8.35 23.43
C ARG C 137 -30.12 -9.46 22.87
N CYS C 138 -31.00 -9.97 23.71
CA CYS C 138 -31.88 -11.06 23.26
C CYS C 138 -32.85 -10.59 22.20
N ALA C 139 -33.32 -9.35 22.32
CA ALA C 139 -34.20 -8.77 21.31
C ALA C 139 -33.47 -8.60 19.97
N GLN C 140 -32.22 -8.12 20.05
CA GLN C 140 -31.38 -7.97 18.86
C GLN C 140 -31.11 -9.30 18.19
N PHE C 141 -30.73 -10.30 18.98
CA PHE C 141 -30.48 -11.62 18.44
C PHE C 141 -31.71 -12.15 17.70
N GLY C 142 -32.88 -12.01 18.31
CA GLY C 142 -34.12 -12.45 17.69
C GLY C 142 -34.39 -11.77 16.36
N PHE C 143 -34.15 -10.47 16.33
CA PHE C 143 -34.30 -9.70 15.10
C PHE C 143 -33.34 -10.22 14.02
N CYS C 144 -32.11 -10.51 14.40
CA CYS C 144 -31.12 -11.01 13.43
C CYS C 144 -31.54 -12.35 12.87
N MET C 145 -32.00 -13.23 13.74
CA MET C 145 -32.48 -14.54 13.31
C MET C 145 -33.72 -14.41 12.41
N ASP C 146 -34.61 -13.46 12.70
CA ASP C 146 -35.76 -13.22 11.83
C ASP C 146 -35.29 -12.79 10.45
N LYS C 147 -34.28 -11.93 10.40
CA LYS C 147 -33.72 -11.48 9.14
C LYS C 147 -33.12 -12.65 8.36
N VAL C 148 -32.39 -13.51 9.07
CA VAL C 148 -31.86 -14.73 8.47
C VAL C 148 -32.98 -15.59 7.86
N ARG C 149 -34.08 -15.79 8.60
CA ARG C 149 -35.22 -16.56 8.09
C ARG C 149 -35.82 -15.97 6.81
N GLU C 150 -36.02 -14.67 6.81
CA GLU C 150 -36.54 -13.96 5.65
C GLU C 150 -35.65 -14.18 4.43
N ILE C 151 -34.34 -14.03 4.62
CA ILE C 151 -33.40 -14.19 3.51
C ILE C 151 -33.44 -15.60 2.94
N ILE C 152 -33.39 -16.58 3.83
CA ILE C 152 -33.42 -17.99 3.42
C ILE C 152 -34.72 -18.29 2.68
N ALA C 153 -35.85 -17.81 3.19
CA ALA C 153 -37.13 -18.06 2.54
C ALA C 153 -37.15 -17.54 1.11
N GLN C 154 -36.55 -16.37 0.86
CA GLN C 154 -36.52 -15.84 -0.51
C GLN C 154 -35.32 -16.28 -1.36
N ASN C 155 -34.33 -16.91 -0.74
CA ASN C 155 -33.13 -17.29 -1.50
C ASN C 155 -32.71 -18.71 -1.17
N PRO C 156 -33.55 -19.67 -1.56
CA PRO C 156 -33.18 -21.07 -1.39
C PRO C 156 -31.91 -21.31 -2.21
N GLY C 157 -31.00 -22.08 -1.66
CA GLY C 157 -29.76 -22.37 -2.36
C GLY C 157 -28.68 -21.35 -2.10
N ALA C 158 -29.02 -20.23 -1.47
CA ALA C 158 -27.99 -19.25 -1.13
C ALA C 158 -27.22 -19.69 0.10
N LEU C 159 -25.97 -19.24 0.21
CA LEU C 159 -25.21 -19.38 1.46
C LEU C 159 -25.51 -18.16 2.32
N VAL C 160 -25.91 -18.38 3.56
CA VAL C 160 -26.14 -17.28 4.48
C VAL C 160 -25.24 -17.49 5.71
N PHE C 161 -24.43 -16.48 6.01
CA PHE C 161 -23.59 -16.47 7.21
C PHE C 161 -23.98 -15.35 8.14
N PHE C 162 -24.36 -15.70 9.37
CA PHE C 162 -24.63 -14.71 10.39
C PHE C 162 -23.81 -14.96 11.64
N GLY C 163 -23.16 -13.91 12.15
CA GLY C 163 -22.44 -14.02 13.40
C GLY C 163 -21.70 -12.75 13.74
N GLY C 164 -20.65 -12.88 14.54
CA GLY C 164 -19.89 -11.75 15.02
C GLY C 164 -19.67 -11.89 16.53
N ASP C 165 -19.54 -10.77 17.23
CA ASP C 165 -19.50 -10.79 18.68
C ASP C 165 -20.92 -10.63 19.20
N LEU C 166 -21.57 -11.76 19.50
CA LEU C 166 -22.97 -11.73 19.88
C LEU C 166 -23.14 -11.53 21.40
N ASN C 167 -22.03 -11.59 22.13
CA ASN C 167 -22.05 -11.36 23.57
C ASN C 167 -22.99 -12.29 24.34
N LEU C 168 -23.15 -13.52 23.84
CA LEU C 168 -24.14 -14.47 24.35
C LEU C 168 -23.68 -15.37 25.50
N ARG C 169 -24.59 -15.62 26.45
CA ARG C 169 -24.51 -16.79 27.33
C ARG C 169 -25.41 -17.87 26.74
N ASP C 170 -25.05 -19.14 26.88
CA ASP C 170 -25.77 -20.21 26.18
C ASP C 170 -27.30 -20.21 26.37
N GLU C 171 -27.77 -19.94 27.59
CA GLU C 171 -29.20 -19.97 27.86
C GLU C 171 -29.93 -18.84 27.15
N GLU C 172 -29.17 -17.87 26.64
CA GLU C 172 -29.77 -16.72 26.00
C GLU C 172 -30.19 -17.08 24.58
N VAL C 173 -29.66 -18.18 24.07
CA VAL C 173 -29.95 -18.59 22.70
C VAL C 173 -31.38 -19.09 22.58
N SER C 174 -32.15 -18.50 21.68
CA SER C 174 -33.56 -18.84 21.54
C SER C 174 -33.83 -19.72 20.33
N ARG C 175 -34.83 -19.32 19.56
CA ARG C 175 -35.36 -20.14 18.47
C ARG C 175 -34.43 -20.08 17.26
N VAL C 176 -33.40 -20.93 17.26
CA VAL C 176 -32.54 -21.04 16.10
C VAL C 176 -33.31 -21.85 15.08
N PRO C 177 -33.51 -21.26 13.89
CA PRO C 177 -34.34 -21.78 12.79
C PRO C 177 -33.82 -23.08 12.20
N ASP C 178 -34.74 -23.90 11.66
CA ASP C 178 -34.36 -25.11 10.93
C ASP C 178 -33.56 -24.74 9.71
N GLY C 179 -32.51 -25.51 9.43
CA GLY C 179 -31.65 -25.22 8.31
C GLY C 179 -30.43 -24.42 8.72
N VAL C 180 -30.56 -23.68 9.83
CA VAL C 180 -29.47 -22.88 10.37
C VAL C 180 -28.74 -23.60 11.50
N LYS C 181 -27.41 -23.69 11.38
CA LYS C 181 -26.58 -24.37 12.36
C LYS C 181 -25.45 -23.49 12.89
N ASP C 182 -25.01 -23.79 14.10
CA ASP C 182 -23.89 -23.11 14.73
C ASP C 182 -22.60 -23.79 14.27
N ALA C 183 -21.71 -23.02 13.65
CA ALA C 183 -20.47 -23.57 13.10
C ALA C 183 -19.65 -24.36 14.12
N TRP C 184 -19.51 -23.82 15.33
CA TRP C 184 -18.72 -24.50 16.34
C TRP C 184 -19.35 -25.84 16.73
N GLU C 185 -20.67 -25.84 16.90
CA GLU C 185 -21.41 -27.06 17.23
C GLU C 185 -21.32 -28.08 16.11
N ALA C 186 -21.55 -27.63 14.88
CA ALA C 186 -21.55 -28.51 13.72
C ALA C 186 -20.17 -29.12 13.48
N ALA C 187 -19.12 -28.45 13.97
CA ALA C 187 -17.77 -28.96 13.79
C ALA C 187 -17.42 -30.04 14.81
N GLY C 188 -18.28 -30.20 15.82
CA GLY C 188 -18.05 -31.25 16.80
C GLY C 188 -18.08 -30.77 18.24
N SER C 189 -18.40 -29.50 18.45
CA SER C 189 -18.39 -28.94 19.80
C SER C 189 -17.10 -29.25 20.55
N ASP C 190 -15.96 -29.00 19.91
CA ASP C 190 -14.67 -29.25 20.56
C ASP C 190 -14.40 -28.27 21.70
N ASN C 191 -14.11 -28.82 22.88
CA ASN C 191 -13.82 -28.01 24.06
C ASN C 191 -12.62 -27.10 23.82
N LYS C 192 -11.72 -27.55 22.94
CA LYS C 192 -10.49 -26.84 22.67
C LYS C 192 -10.69 -25.57 21.85
N THR C 193 -11.85 -25.44 21.19
CA THR C 193 -12.13 -24.28 20.36
C THR C 193 -13.39 -23.58 20.85
N LYS C 194 -13.77 -23.87 22.09
CA LYS C 194 -15.07 -23.43 22.60
C LYS C 194 -15.10 -21.96 22.98
N PHE C 195 -14.22 -21.56 23.87
CA PHE C 195 -14.28 -20.21 24.43
C PHE C 195 -13.50 -19.20 23.58
N THR C 196 -14.14 -18.07 23.30
CA THR C 196 -13.58 -17.06 22.40
C THR C 196 -13.16 -15.85 23.23
N TRP C 197 -13.64 -15.83 24.47
CA TRP C 197 -13.31 -14.78 25.42
C TRP C 197 -12.95 -15.46 26.73
N ASP C 198 -11.66 -15.54 27.03
CA ASP C 198 -11.14 -16.35 28.12
C ASP C 198 -10.18 -15.52 28.97
N THR C 199 -10.71 -14.93 30.02
CA THR C 199 -9.95 -14.03 30.87
C THR C 199 -8.94 -14.78 31.76
N PHE C 200 -8.99 -16.11 31.71
CA PHE C 200 -7.95 -16.93 32.34
C PHE C 200 -6.64 -16.89 31.58
N LYS C 201 -6.73 -17.14 30.27
CA LYS C 201 -5.53 -17.22 29.45
C LYS C 201 -5.21 -15.88 28.83
N ASN C 202 -6.26 -15.10 28.58
CA ASN C 202 -6.07 -13.80 27.97
C ASN C 202 -6.03 -12.75 29.06
N ASP C 203 -4.89 -12.07 29.18
CA ASP C 203 -4.72 -11.07 30.24
C ASP C 203 -4.64 -9.64 29.71
N ASN C 204 -5.13 -9.42 28.49
CA ASN C 204 -5.21 -8.06 27.98
C ASN C 204 -6.01 -7.16 28.92
N LYS C 205 -7.07 -7.73 29.51
CA LYS C 205 -7.89 -6.98 30.45
C LYS C 205 -7.77 -7.47 31.89
N GLN C 206 -7.69 -6.52 32.82
CA GLN C 206 -7.61 -6.81 34.23
C GLN C 206 -8.94 -6.68 34.94
N GLY C 207 -9.14 -7.47 36.00
CA GLY C 207 -10.29 -7.30 36.87
C GLY C 207 -11.47 -8.27 36.77
N PHE C 208 -11.47 -9.13 35.76
CA PHE C 208 -12.58 -10.08 35.59
C PHE C 208 -12.39 -11.40 36.35
N HIS C 209 -11.15 -11.70 36.74
CA HIS C 209 -10.86 -12.88 37.54
C HIS C 209 -11.52 -14.18 37.08
N GLY C 210 -11.16 -14.63 35.88
CA GLY C 210 -11.52 -15.97 35.44
C GLY C 210 -12.92 -16.23 34.93
N ALA C 211 -13.31 -15.51 33.89
CA ALA C 211 -14.59 -15.80 33.24
C ALA C 211 -14.27 -16.38 31.87
N LYS C 212 -15.06 -17.35 31.45
CA LYS C 212 -14.89 -17.97 30.14
C LYS C 212 -16.23 -17.88 29.41
N MET C 213 -16.20 -17.42 28.16
CA MET C 213 -17.43 -17.27 27.40
C MET C 213 -17.24 -17.56 25.91
N ARG C 214 -18.32 -18.05 25.30
CA ARG C 214 -18.34 -18.23 23.87
C ARG C 214 -19.16 -17.07 23.29
N PHE C 215 -18.57 -15.87 23.33
CA PHE C 215 -19.25 -14.66 22.89
C PHE C 215 -19.33 -14.61 21.37
N ASP C 216 -18.32 -15.15 20.71
CA ASP C 216 -18.18 -15.06 19.27
C ASP C 216 -18.69 -16.33 18.60
N ARG C 217 -19.63 -16.18 17.66
CA ARG C 217 -20.24 -17.36 17.05
C ARG C 217 -20.51 -17.10 15.58
N LEU C 218 -20.62 -18.18 14.82
CA LEU C 218 -20.93 -18.09 13.41
C LEU C 218 -22.04 -19.09 13.14
N TYR C 219 -23.12 -18.62 12.54
CA TYR C 219 -24.23 -19.48 12.12
C TYR C 219 -24.29 -19.51 10.61
N TRP C 220 -24.74 -20.61 10.04
CA TRP C 220 -24.95 -20.62 8.59
C TRP C 220 -26.10 -21.49 8.10
N SER C 221 -26.53 -21.19 6.88
CA SER C 221 -27.48 -22.03 6.16
C SER C 221 -27.02 -22.04 4.72
N GLY C 222 -27.33 -23.12 3.99
CA GLY C 222 -26.96 -23.16 2.58
C GLY C 222 -26.45 -24.50 2.13
N PRO C 223 -26.06 -24.59 0.86
CA PRO C 223 -25.67 -25.84 0.18
C PRO C 223 -24.31 -26.40 0.61
N LEU C 224 -23.65 -25.78 1.58
CA LEU C 224 -22.43 -26.38 2.11
C LEU C 224 -22.76 -26.94 3.49
N ASP C 225 -22.58 -28.26 3.65
CA ASP C 225 -23.04 -28.94 4.85
C ASP C 225 -21.92 -29.38 5.80
N LYS C 226 -20.67 -29.25 5.36
CA LYS C 226 -19.54 -29.64 6.21
C LYS C 226 -18.75 -28.41 6.69
N VAL C 227 -18.16 -28.50 7.87
CA VAL C 227 -17.43 -27.38 8.45
C VAL C 227 -16.27 -27.79 9.35
N LYS C 228 -15.16 -27.08 9.22
CA LYS C 228 -14.05 -27.15 10.17
C LYS C 228 -14.01 -25.82 10.94
N PHE C 229 -13.57 -25.86 12.19
CA PHE C 229 -13.63 -24.70 13.08
C PHE C 229 -12.39 -24.60 13.95
N THR C 230 -11.70 -23.45 13.88
CA THR C 230 -10.53 -23.21 14.73
C THR C 230 -10.54 -21.84 15.39
N LEU C 231 -9.67 -21.66 16.38
CA LEU C 231 -9.50 -20.36 17.00
C LEU C 231 -8.18 -19.79 16.52
N GLU C 232 -8.10 -18.46 16.41
CA GLU C 232 -6.87 -17.85 15.98
C GLU C 232 -6.55 -16.65 16.86
N GLY C 233 -5.34 -16.14 16.74
CA GLY C 233 -4.89 -14.99 17.51
C GLY C 233 -4.66 -15.32 18.97
N ARG C 234 -4.31 -16.57 19.23
CA ARG C 234 -4.12 -17.01 20.62
C ARG C 234 -2.68 -16.88 21.11
N GLN C 235 -1.82 -16.32 20.27
CA GLN C 235 -0.42 -16.20 20.63
C GLN C 235 -0.10 -14.75 21.07
N ARG C 236 0.68 -14.62 22.13
CA ARG C 236 1.07 -13.32 22.63
C ARG C 236 1.97 -12.64 21.60
N ILE C 237 1.87 -11.32 21.46
CA ILE C 237 2.76 -10.60 20.55
C ILE C 237 4.07 -10.41 21.32
N ARG C 238 5.17 -10.70 20.66
CA ARG C 238 6.47 -10.71 21.32
C ARG C 238 6.97 -9.33 21.74
N SER C 239 6.87 -8.36 20.84
CA SER C 239 7.41 -7.02 21.09
C SER C 239 6.71 -6.25 22.21
N CYS C 240 5.44 -6.56 22.46
CA CYS C 240 4.68 -5.82 23.46
C CYS C 240 4.06 -6.71 24.53
N LEU C 241 4.21 -8.02 24.36
CA LEU C 241 3.73 -8.97 25.37
C LEU C 241 2.23 -8.97 25.63
N CYS C 242 1.45 -8.49 24.67
CA CYS C 242 0.00 -8.61 24.82
C CYS C 242 -0.58 -9.43 23.66
N PHE C 243 -1.81 -9.89 23.80
CA PHE C 243 -2.48 -10.56 22.69
C PHE C 243 -3.02 -9.50 21.74
N PRO C 244 -3.21 -9.86 20.45
CA PRO C 244 -3.76 -8.85 19.53
C PRO C 244 -5.08 -8.30 20.06
N SER C 245 -5.86 -9.14 20.72
CA SER C 245 -7.17 -8.72 21.25
C SER C 245 -7.50 -9.47 22.52
N ASP C 246 -8.50 -9.00 23.26
CA ASP C 246 -8.99 -9.75 24.42
C ASP C 246 -9.88 -10.92 23.98
N HIS C 247 -10.27 -10.92 22.71
CA HIS C 247 -11.00 -12.03 22.10
C HIS C 247 -10.08 -12.89 21.21
N TRP C 248 -10.33 -14.18 21.19
CA TRP C 248 -9.74 -15.02 20.16
C TRP C 248 -10.55 -14.80 18.90
N ALA C 249 -9.94 -14.97 17.73
CA ALA C 249 -10.70 -14.96 16.49
C ALA C 249 -11.25 -16.36 16.25
N ILE C 250 -12.41 -16.43 15.59
CA ILE C 250 -12.91 -17.69 15.11
C ILE C 250 -12.72 -17.82 13.60
N ASN C 251 -12.47 -19.05 13.16
CA ASN C 251 -12.16 -19.33 11.77
C ASN C 251 -12.85 -20.60 11.32
N ALA C 252 -13.88 -20.46 10.51
CA ALA C 252 -14.68 -21.59 10.05
C ALA C 252 -14.50 -21.77 8.55
N THR C 253 -14.33 -23.03 8.14
CA THR C 253 -14.21 -23.37 6.73
C THR C 253 -15.38 -24.25 6.32
N PHE C 254 -16.16 -23.80 5.35
CA PHE C 254 -17.36 -24.50 4.92
C PHE C 254 -17.14 -25.15 3.57
N PHE C 255 -17.61 -26.39 3.42
CA PHE C 255 -17.46 -27.12 2.17
C PHE C 255 -18.54 -28.19 1.95
N ALA C 256 -18.55 -28.76 0.75
CA ALA C 256 -19.57 -29.75 0.39
C ALA C 256 -19.03 -31.16 0.52
N GLU D 7 13.35 29.18 34.64
CA GLU D 7 14.37 28.56 35.48
C GLU D 7 15.79 28.99 35.13
N ASP D 8 16.76 28.15 35.49
CA ASP D 8 18.16 28.33 35.09
C ASP D 8 18.32 28.35 33.57
N LEU D 9 17.36 27.82 32.85
CA LEU D 9 17.50 27.76 31.40
C LEU D 9 16.86 28.98 30.77
N LYS D 10 16.20 29.78 31.61
CA LYS D 10 15.68 31.06 31.13
C LYS D 10 16.85 31.92 30.66
N GLY D 11 16.72 32.51 29.49
CA GLY D 11 17.81 33.30 28.93
C GLY D 11 18.90 32.47 28.26
N PHE D 12 18.78 31.14 28.32
CA PHE D 12 19.78 30.27 27.74
C PHE D 12 19.57 30.09 26.23
N GLU D 13 20.65 30.15 25.46
CA GLU D 13 20.53 30.12 24.01
C GLU D 13 21.70 29.41 23.32
N VAL D 14 21.41 28.57 22.34
CA VAL D 14 22.47 27.87 21.61
C VAL D 14 22.15 27.78 20.12
N SER D 15 23.10 28.19 19.29
CA SER D 15 22.90 28.16 17.85
C SER D 15 23.72 27.05 17.20
N VAL D 16 23.07 26.32 16.30
CA VAL D 16 23.71 25.22 15.59
C VAL D 16 23.56 25.48 14.09
N MET D 17 24.68 25.42 13.38
CA MET D 17 24.70 25.66 11.94
C MET D 17 25.19 24.39 11.27
N SER D 18 24.62 24.04 10.13
CA SER D 18 25.09 22.85 9.41
C SER D 18 25.22 23.19 7.93
N TRP D 19 26.28 22.71 7.30
CA TRP D 19 26.57 23.11 5.93
C TRP D 19 27.40 22.08 5.20
N ASN D 20 26.88 21.61 4.07
CA ASN D 20 27.68 20.83 3.13
C ASN D 20 28.40 21.82 2.27
N ILE D 21 29.72 21.89 2.41
CA ILE D 21 30.49 22.95 1.76
C ILE D 21 31.03 22.55 0.38
N ASP D 22 30.63 21.38 -0.11
CA ASP D 22 30.94 21.03 -1.51
C ASP D 22 32.44 21.12 -1.80
N GLY D 23 33.24 20.54 -0.90
CA GLY D 23 34.68 20.54 -1.08
C GLY D 23 35.12 19.75 -2.27
N LEU D 24 34.27 18.84 -2.76
CA LEU D 24 34.59 18.03 -3.93
C LEU D 24 34.52 18.79 -5.24
N ASP D 25 33.94 20.00 -5.20
CA ASP D 25 33.94 20.86 -6.39
C ASP D 25 35.16 21.78 -6.34
N GLY D 26 36.10 21.58 -7.27
CA GLY D 26 37.38 22.28 -7.26
C GLY D 26 37.35 23.71 -7.76
N ARG D 27 36.29 24.06 -8.47
CA ARG D 27 36.19 25.41 -9.03
C ARG D 27 36.08 26.49 -7.95
N SER D 28 37.00 27.43 -8.00
CA SER D 28 37.03 28.55 -7.06
C SER D 28 37.01 28.05 -5.61
N LEU D 29 37.57 26.87 -5.39
CA LEU D 29 37.52 26.24 -4.07
C LEU D 29 38.07 27.15 -2.97
N LEU D 30 39.25 27.72 -3.18
CA LEU D 30 39.86 28.57 -2.16
C LEU D 30 39.01 29.81 -1.84
N THR D 31 38.55 30.47 -2.89
CA THR D 31 37.69 31.65 -2.74
C THR D 31 36.40 31.28 -2.00
N ARG D 32 35.84 30.13 -2.37
CA ARG D 32 34.62 29.65 -1.75
C ARG D 32 34.83 29.31 -0.27
N MET D 33 35.96 28.71 0.07
CA MET D 33 36.21 28.37 1.48
C MET D 33 36.43 29.62 2.34
N LYS D 34 37.07 30.64 1.77
CA LYS D 34 37.18 31.93 2.46
C LYS D 34 35.80 32.50 2.71
N ALA D 35 34.93 32.39 1.70
CA ALA D 35 33.56 32.83 1.85
C ALA D 35 32.83 32.02 2.93
N VAL D 36 33.04 30.71 2.93
CA VAL D 36 32.41 29.88 3.97
C VAL D 36 32.83 30.37 5.35
N ALA D 37 34.13 30.58 5.54
CA ALA D 37 34.65 31.04 6.81
C ALA D 37 34.11 32.42 7.19
N HIS D 38 34.01 33.31 6.20
CA HIS D 38 33.46 34.64 6.42
C HIS D 38 32.03 34.52 6.88
N ILE D 39 31.25 33.68 6.21
CA ILE D 39 29.84 33.54 6.56
C ILE D 39 29.63 32.92 7.95
N VAL D 40 30.40 31.88 8.26
CA VAL D 40 30.34 31.30 9.60
C VAL D 40 30.61 32.36 10.67
N LYS D 41 31.63 33.18 10.46
CA LYS D 41 31.93 34.22 11.44
C LYS D 41 30.80 35.23 11.57
N ASN D 42 30.04 35.45 10.51
CA ASN D 42 28.93 36.40 10.57
C ASN D 42 27.73 35.81 11.28
N VAL D 43 27.50 34.53 11.06
CA VAL D 43 26.43 33.84 11.75
C VAL D 43 26.78 33.60 13.20
N ASN D 44 28.07 33.37 13.46
CA ASN D 44 28.55 33.16 14.83
C ASN D 44 27.82 32.03 15.57
N PRO D 45 27.72 30.83 14.97
CA PRO D 45 27.03 29.76 15.68
C PRO D 45 27.86 29.23 16.85
N ASP D 46 27.20 28.69 17.87
CA ASP D 46 27.93 28.08 18.98
C ASP D 46 28.53 26.76 18.52
N ILE D 47 27.81 26.11 17.62
CA ILE D 47 28.14 24.78 17.13
C ILE D 47 27.97 24.77 15.61
N LEU D 48 28.94 24.19 14.89
CA LEU D 48 28.88 24.10 13.43
C LEU D 48 29.18 22.70 12.96
N PHE D 49 28.26 22.13 12.19
CA PHE D 49 28.50 20.86 11.51
C PHE D 49 28.90 21.16 10.07
N LEU D 50 30.00 20.56 9.59
CA LEU D 50 30.35 20.63 8.18
C LEU D 50 30.35 19.24 7.57
N GLN D 51 29.98 19.16 6.29
CA GLN D 51 30.11 17.93 5.52
C GLN D 51 30.84 18.23 4.20
N GLU D 52 31.38 17.19 3.57
CA GLU D 52 32.17 17.35 2.36
C GLU D 52 33.30 18.37 2.51
N VAL D 53 34.01 18.25 3.61
CA VAL D 53 35.25 18.97 3.82
C VAL D 53 36.40 18.22 3.16
N VAL D 54 37.32 18.94 2.52
CA VAL D 54 38.52 18.30 1.96
C VAL D 54 39.81 18.95 2.45
N ASP D 55 40.91 18.22 2.32
CA ASP D 55 42.23 18.73 2.73
C ASP D 55 42.62 19.96 1.91
N ARG D 56 42.29 19.96 0.62
CA ARG D 56 42.69 21.05 -0.27
C ARG D 56 42.03 22.37 0.11
N ASP D 57 42.85 23.41 0.28
CA ASP D 57 42.34 24.76 0.55
C ASP D 57 41.56 24.79 1.86
N LEU D 58 41.98 23.98 2.83
CA LEU D 58 41.27 23.90 4.10
C LEU D 58 41.63 25.08 5.00
N ALA D 59 42.70 25.79 4.63
CA ALA D 59 43.27 26.83 5.49
C ALA D 59 42.27 27.83 6.08
N PRO D 60 41.36 28.36 5.25
CA PRO D 60 40.40 29.33 5.78
C PRO D 60 39.53 28.68 6.86
N ILE D 61 39.27 27.39 6.72
CA ILE D 61 38.53 26.61 7.73
C ILE D 61 39.32 26.42 9.03
N ASP D 62 40.56 25.96 8.92
CA ASP D 62 41.41 25.75 10.08
C ASP D 62 41.64 27.03 10.86
N LYS D 63 41.65 28.17 10.18
CA LYS D 63 41.86 29.44 10.85
C LYS D 63 40.73 29.78 11.80
N LEU D 64 39.59 29.11 11.65
CA LEU D 64 38.47 29.33 12.57
C LEU D 64 38.82 28.84 13.98
N GLN D 65 39.97 28.18 14.12
CA GLN D 65 40.37 27.65 15.41
C GLN D 65 40.66 28.76 16.43
N SER D 66 40.70 30.00 15.97
CA SER D 66 40.84 31.11 16.89
C SER D 66 39.54 31.28 17.67
N LEU D 67 38.46 30.77 17.10
CA LEU D 67 37.15 30.91 17.70
C LEU D 67 36.55 29.57 18.13
N TYR D 68 37.01 28.48 17.52
CA TYR D 68 36.38 27.17 17.74
C TYR D 68 37.38 26.10 18.01
N LYS D 69 36.95 25.08 18.76
CA LYS D 69 37.64 23.79 18.79
C LYS D 69 37.14 22.98 17.59
N ILE D 70 38.05 22.38 16.85
CA ILE D 70 37.67 21.73 15.60
C ILE D 70 37.98 20.25 15.61
N TYR D 71 36.96 19.44 15.31
CA TYR D 71 37.13 17.98 15.28
C TYR D 71 36.73 17.43 13.92
N TYR D 72 37.71 16.81 13.25
CA TYR D 72 37.48 16.20 11.93
C TYR D 72 37.14 14.73 12.05
N SER D 73 36.18 14.28 11.26
CA SER D 73 35.73 12.89 11.35
C SER D 73 36.77 11.90 10.87
N ASN D 74 37.49 12.27 9.82
CA ASN D 74 38.32 11.30 9.11
C ASN D 74 39.27 12.01 8.16
N LYS D 75 40.08 12.90 8.74
CA LYS D 75 40.99 13.70 7.96
C LYS D 75 41.88 12.78 7.14
N GLY D 76 42.21 13.19 5.93
CA GLY D 76 43.05 12.37 5.07
C GLY D 76 42.25 11.48 4.14
N CYS D 77 40.99 11.24 4.48
CA CYS D 77 40.09 10.55 3.56
C CYS D 77 39.78 11.52 2.41
N GLN D 78 39.20 11.01 1.32
CA GLN D 78 38.90 11.87 0.18
C GLN D 78 38.08 13.08 0.64
N TYR D 79 37.03 12.79 1.40
CA TYR D 79 36.26 13.87 2.02
C TYR D 79 35.67 13.39 3.34
N TYR D 80 35.31 14.33 4.21
CA TYR D 80 34.92 13.98 5.57
C TYR D 80 34.12 15.12 6.19
N THR D 81 33.71 14.93 7.44
CA THR D 81 32.90 15.92 8.11
C THR D 81 33.67 16.57 9.24
N ALA D 82 33.10 17.63 9.80
CA ALA D 82 33.73 18.31 10.91
C ALA D 82 32.67 18.78 11.89
N ILE D 83 33.05 18.88 13.15
CA ILE D 83 32.23 19.56 14.15
C ILE D 83 33.08 20.62 14.76
N LEU D 84 32.59 21.85 14.74
CA LEU D 84 33.29 22.94 15.40
C LEU D 84 32.44 23.42 16.56
N VAL D 85 33.06 23.60 17.72
CA VAL D 85 32.33 24.10 18.86
C VAL D 85 33.05 25.27 19.48
N SER D 86 32.26 26.18 20.06
CA SER D 86 32.80 27.29 20.83
C SER D 86 33.84 26.80 21.83
N LYS D 87 34.83 27.64 22.13
CA LYS D 87 35.86 27.27 23.10
C LYS D 87 35.29 27.11 24.50
N MET D 88 34.07 27.59 24.70
CA MET D 88 33.37 27.40 25.97
C MET D 88 32.75 26.01 26.06
N PHE D 89 32.66 25.32 24.93
CA PHE D 89 32.17 23.94 24.91
C PHE D 89 33.24 23.03 25.50
N ASP D 90 32.89 22.32 26.56
CA ASP D 90 33.84 21.41 27.21
C ASP D 90 33.71 20.00 26.61
N VAL D 91 34.71 19.58 25.85
CA VAL D 91 34.64 18.30 25.14
C VAL D 91 34.98 17.14 26.10
N GLU D 92 34.13 16.13 26.09
CA GLU D 92 34.35 14.93 26.93
C GLU D 92 34.81 13.74 26.07
N LYS D 93 34.14 13.57 24.92
CA LYS D 93 34.43 12.46 24.01
C LYS D 93 34.24 12.83 22.55
N HIS D 94 35.08 12.26 21.68
CA HIS D 94 34.87 12.36 20.24
C HIS D 94 34.93 10.96 19.66
N ASP D 95 33.83 10.49 19.10
CA ASP D 95 33.74 9.14 18.54
C ASP D 95 33.29 9.20 17.09
N VAL D 96 33.89 8.39 16.24
CA VAL D 96 33.46 8.34 14.84
C VAL D 96 33.08 6.92 14.48
N ILE D 97 31.81 6.71 14.16
CA ILE D 97 31.33 5.40 13.77
C ILE D 97 31.23 5.35 12.24
N HIS D 98 31.94 4.40 11.63
CA HIS D 98 31.85 4.17 10.18
C HIS D 98 30.65 3.30 9.85
N PHE D 99 29.77 3.78 8.97
CA PHE D 99 28.63 2.98 8.53
C PHE D 99 29.11 1.72 7.82
N GLN D 100 28.68 0.56 8.30
CA GLN D 100 29.06 -0.71 7.69
C GLN D 100 28.53 -0.82 6.26
N ASN D 101 27.35 -0.29 6.00
CA ASN D 101 26.74 -0.41 4.68
C ASN D 101 27.14 0.67 3.69
N SER D 102 28.13 1.49 4.03
CA SER D 102 28.48 2.62 3.17
C SER D 102 29.56 2.31 2.12
N GLY D 103 29.30 2.72 0.88
CA GLY D 103 30.32 2.65 -0.14
C GLY D 103 30.98 4.00 -0.32
N MET D 104 30.69 4.96 0.57
CA MET D 104 31.17 6.32 0.37
C MET D 104 31.89 6.92 1.59
N TYR D 105 32.45 6.05 2.43
CA TYR D 105 33.18 6.43 3.64
C TYR D 105 32.38 7.25 4.63
N ARG D 106 31.07 7.02 4.68
CA ARG D 106 30.20 7.86 5.50
C ARG D 106 30.23 7.40 6.94
N THR D 107 30.03 8.35 7.86
CA THR D 107 30.20 8.09 9.28
C THR D 107 29.17 8.83 10.10
N LEU D 108 29.02 8.40 11.35
CA LEU D 108 28.31 9.17 12.35
C LEU D 108 29.36 9.72 13.27
N GLN D 109 29.53 11.04 13.24
CA GLN D 109 30.52 11.72 14.07
C GLN D 109 29.85 12.24 15.34
N ILE D 110 30.33 11.79 16.49
CA ILE D 110 29.67 12.14 17.75
C ILE D 110 30.62 12.89 18.66
N LEU D 111 30.22 14.09 19.04
CA LEU D 111 30.98 14.85 20.03
C LEU D 111 30.13 15.03 21.26
N GLU D 112 30.66 14.60 22.40
CA GLU D 112 29.94 14.70 23.66
C GLU D 112 30.62 15.71 24.56
N GLY D 113 29.85 16.57 25.22
CA GLY D 113 30.45 17.51 26.14
C GLY D 113 29.41 18.27 26.92
N SER D 114 29.75 19.48 27.32
CA SER D 114 28.78 20.32 27.99
C SER D 114 29.04 21.79 27.68
N ILE D 115 27.98 22.57 27.64
CA ILE D 115 28.13 24.00 27.48
C ILE D 115 27.30 24.75 28.51
N GLY D 116 27.96 25.52 29.38
CA GLY D 116 27.25 26.20 30.44
C GLY D 116 26.60 25.24 31.42
N GLY D 117 27.33 24.21 31.81
CA GLY D 117 26.83 23.22 32.75
C GLY D 117 25.78 22.29 32.17
N LEU D 118 25.44 22.49 30.89
CA LEU D 118 24.41 21.69 30.26
C LEU D 118 25.04 20.59 29.40
N LYS D 119 24.67 19.34 29.65
CA LYS D 119 25.18 18.22 28.86
C LYS D 119 24.70 18.30 27.41
N VAL D 120 25.62 18.12 26.47
CA VAL D 120 25.28 18.20 25.06
C VAL D 120 25.86 17.05 24.23
N PHE D 121 25.02 16.40 23.43
CA PHE D 121 25.52 15.42 22.46
C PHE D 121 25.32 15.94 21.05
N LEU D 122 26.39 15.88 20.27
CA LEU D 122 26.37 16.34 18.89
C LEU D 122 26.62 15.17 17.94
N LEU D 123 25.68 14.95 17.02
CA LEU D 123 25.84 13.88 16.04
C LEU D 123 25.74 14.47 14.62
N ASN D 124 26.85 14.42 13.89
CA ASN D 124 26.93 15.00 12.54
C ASN D 124 27.13 13.89 11.51
N THR D 125 26.37 13.92 10.42
CA THR D 125 26.53 12.87 9.43
C THR D 125 26.25 13.39 8.01
N HIS D 126 26.72 12.64 7.03
CA HIS D 126 26.45 12.87 5.61
C HIS D 126 25.98 11.55 5.04
N LEU D 127 24.67 11.35 4.98
CA LEU D 127 24.14 10.05 4.63
C LEU D 127 24.37 9.68 3.16
N GLU D 128 24.33 8.38 2.87
CA GLU D 128 24.64 7.90 1.51
C GLU D 128 23.93 8.72 0.43
N SER D 129 24.64 9.05 -0.64
CA SER D 129 24.15 9.99 -1.66
C SER D 129 23.35 9.33 -2.79
N THR D 130 22.46 10.13 -3.39
CA THR D 130 21.67 9.78 -4.59
C THR D 130 20.45 8.90 -4.36
N ARG D 131 19.51 9.03 -5.29
CA ARG D 131 18.28 8.27 -5.27
C ARG D 131 18.54 6.76 -5.22
N GLU D 132 19.53 6.30 -5.96
CA GLU D 132 19.85 4.88 -6.03
C GLU D 132 20.19 4.26 -4.67
N HIS D 133 20.67 5.07 -3.72
CA HIS D 133 21.12 4.52 -2.45
C HIS D 133 20.14 4.75 -1.31
N ARG D 134 18.87 4.93 -1.67
CA ARG D 134 17.81 5.10 -0.69
C ARG D 134 17.83 4.05 0.42
N PRO D 135 18.00 2.77 0.04
CA PRO D 135 18.06 1.68 1.03
C PRO D 135 19.17 1.91 2.06
N GLN D 136 20.39 2.15 1.59
CA GLN D 136 21.51 2.37 2.51
C GLN D 136 21.26 3.61 3.35
N ARG D 137 20.74 4.67 2.72
CA ARG D 137 20.49 5.93 3.39
C ARG D 137 19.42 5.75 4.47
N CYS D 138 18.36 5.03 4.15
CA CYS D 138 17.32 4.83 5.14
C CYS D 138 17.82 3.99 6.31
N ALA D 139 18.66 3.01 6.03
CA ALA D 139 19.24 2.18 7.07
C ALA D 139 20.14 3.01 7.99
N GLN D 140 20.94 3.87 7.37
CA GLN D 140 21.80 4.77 8.13
C GLN D 140 20.95 5.70 8.99
N PHE D 141 19.92 6.28 8.39
CA PHE D 141 19.03 7.17 9.14
C PHE D 141 18.48 6.42 10.36
N GLY D 142 17.98 5.20 10.14
CA GLY D 142 17.46 4.39 11.22
C GLY D 142 18.49 4.11 12.30
N PHE D 143 19.71 3.78 11.90
CA PHE D 143 20.79 3.56 12.85
C PHE D 143 21.03 4.82 13.68
N CYS D 144 21.06 5.98 13.02
CA CYS D 144 21.31 7.24 13.72
C CYS D 144 20.24 7.52 14.76
N MET D 145 18.98 7.29 14.39
CA MET D 145 17.86 7.52 15.30
C MET D 145 17.91 6.57 16.51
N ASP D 146 18.32 5.33 16.27
CA ASP D 146 18.50 4.39 17.38
C ASP D 146 19.57 4.89 18.34
N LYS D 147 20.63 5.45 17.76
CA LYS D 147 21.69 6.00 18.59
C LYS D 147 21.17 7.19 19.41
N VAL D 148 20.38 8.05 18.79
CA VAL D 148 19.76 9.15 19.52
C VAL D 148 18.91 8.64 20.69
N ARG D 149 18.10 7.61 20.43
CA ARG D 149 17.26 7.04 21.49
C ARG D 149 18.09 6.57 22.69
N GLU D 150 19.14 5.83 22.41
CA GLU D 150 20.02 5.33 23.46
C GLU D 150 20.56 6.48 24.28
N ILE D 151 21.05 7.50 23.58
CA ILE D 151 21.65 8.65 24.26
C ILE D 151 20.62 9.36 25.15
N ILE D 152 19.45 9.61 24.58
CA ILE D 152 18.37 10.30 25.30
C ILE D 152 17.95 9.51 26.54
N ALA D 153 17.81 8.19 26.38
CA ALA D 153 17.41 7.33 27.51
C ALA D 153 18.39 7.40 28.66
N GLN D 154 19.69 7.41 28.37
CA GLN D 154 20.69 7.43 29.42
C GLN D 154 21.03 8.81 29.94
N ASN D 155 20.58 9.85 29.25
CA ASN D 155 20.96 11.22 29.62
C ASN D 155 19.76 12.12 29.60
N PRO D 156 18.87 11.88 30.55
CA PRO D 156 17.73 12.78 30.70
C PRO D 156 18.26 14.17 31.01
N GLY D 157 17.63 15.18 30.44
CA GLY D 157 18.04 16.56 30.69
C GLY D 157 19.13 17.05 29.75
N ALA D 158 19.74 16.15 28.98
CA ALA D 158 20.78 16.55 28.01
C ALA D 158 20.18 17.13 26.73
N LEU D 159 20.93 18.01 26.08
CA LEU D 159 20.57 18.51 24.75
C LEU D 159 21.21 17.55 23.74
N VAL D 160 20.41 17.05 22.82
CA VAL D 160 20.94 16.17 21.79
C VAL D 160 20.65 16.79 20.45
N PHE D 161 21.69 17.02 19.65
CA PHE D 161 21.51 17.54 18.29
C PHE D 161 22.00 16.53 17.28
N PHE D 162 21.10 16.09 16.41
CA PHE D 162 21.47 15.21 15.32
C PHE D 162 21.06 15.78 13.96
N GLY D 163 21.99 15.79 13.02
CA GLY D 163 21.68 16.20 11.67
C GLY D 163 22.90 16.28 10.78
N GLY D 164 22.81 17.10 9.74
CA GLY D 164 23.86 17.22 8.75
C GLY D 164 23.26 17.15 7.36
N ASP D 165 23.99 16.65 6.39
CA ASP D 165 23.41 16.47 5.06
C ASP D 165 22.84 15.07 5.01
N LEU D 166 21.53 14.95 5.27
CA LEU D 166 20.91 13.64 5.37
C LEU D 166 20.42 13.14 4.01
N ASN D 167 20.47 14.02 3.00
CA ASN D 167 20.09 13.62 1.65
C ASN D 167 18.68 13.02 1.57
N LEU D 168 17.78 13.47 2.44
CA LEU D 168 16.46 12.86 2.59
C LEU D 168 15.40 13.42 1.65
N ARG D 169 14.54 12.54 1.16
CA ARG D 169 13.22 12.90 0.65
C ARG D 169 12.28 12.61 1.82
N ASP D 170 11.19 13.38 1.92
CA ASP D 170 10.31 13.29 3.09
C ASP D 170 9.88 11.85 3.42
N GLU D 171 9.60 11.08 2.37
CA GLU D 171 9.09 9.73 2.51
C GLU D 171 10.10 8.76 3.09
N GLU D 172 11.37 9.15 3.09
CA GLU D 172 12.44 8.27 3.53
C GLU D 172 12.57 8.30 5.05
N VAL D 173 11.95 9.30 5.66
CA VAL D 173 12.03 9.51 7.10
C VAL D 173 11.22 8.45 7.84
N SER D 174 11.88 7.70 8.71
CA SER D 174 11.21 6.60 9.38
C SER D 174 10.82 6.98 10.82
N ARG D 175 11.14 6.11 11.76
CA ARG D 175 10.64 6.23 13.13
C ARG D 175 11.39 7.27 13.96
N VAL D 176 10.95 8.52 13.87
CA VAL D 176 11.50 9.58 14.70
C VAL D 176 10.94 9.47 16.13
N PRO D 177 11.84 9.37 17.11
CA PRO D 177 11.50 9.13 18.52
C PRO D 177 10.70 10.26 19.13
N ASP D 178 9.85 9.92 20.10
CA ASP D 178 9.09 10.93 20.83
C ASP D 178 10.05 11.83 21.57
N GLY D 179 9.79 13.13 21.56
CA GLY D 179 10.71 14.05 22.21
C GLY D 179 11.68 14.68 21.22
N VAL D 180 11.87 14.00 20.09
CA VAL D 180 12.76 14.49 19.04
C VAL D 180 11.99 15.22 17.97
N LYS D 181 12.40 16.44 17.67
CA LYS D 181 11.73 17.25 16.67
C LYS D 181 12.69 17.72 15.57
N ASP D 182 12.13 17.95 14.38
CA ASP D 182 12.85 18.50 13.24
C ASP D 182 12.83 20.00 13.43
N ALA D 183 13.99 20.61 13.51
CA ALA D 183 14.08 22.04 13.82
C ALA D 183 13.27 22.92 12.87
N TRP D 184 13.35 22.64 11.58
CA TRP D 184 12.62 23.42 10.59
C TRP D 184 11.10 23.32 10.78
N GLU D 185 10.63 22.11 11.05
CA GLU D 185 9.21 21.88 11.32
C GLU D 185 8.77 22.62 12.59
N ALA D 186 9.54 22.47 13.66
CA ALA D 186 9.21 23.11 14.93
C ALA D 186 9.25 24.64 14.84
N ALA D 187 9.99 25.18 13.88
CA ALA D 187 10.09 26.63 13.74
C ALA D 187 8.89 27.22 12.99
N GLY D 188 8.07 26.34 12.40
CA GLY D 188 6.86 26.76 11.71
C GLY D 188 6.69 26.23 10.30
N SER D 189 7.60 25.36 9.87
CA SER D 189 7.57 24.85 8.50
C SER D 189 7.45 25.99 7.47
N ASP D 190 8.26 27.03 7.62
CA ASP D 190 8.23 28.17 6.71
C ASP D 190 8.74 27.78 5.32
N ASN D 191 7.91 27.98 4.31
CA ASN D 191 8.27 27.64 2.92
C ASN D 191 9.51 28.38 2.43
N LYS D 192 9.76 29.55 3.01
CA LYS D 192 10.90 30.38 2.61
C LYS D 192 12.26 29.87 3.09
N THR D 193 12.25 28.96 4.06
CA THR D 193 13.48 28.42 4.64
C THR D 193 13.53 26.91 4.49
N LYS D 194 12.71 26.39 3.58
CA LYS D 194 12.48 24.95 3.45
C LYS D 194 13.57 24.18 2.73
N PHE D 195 13.86 24.60 1.50
CA PHE D 195 14.75 23.84 0.65
C PHE D 195 16.21 24.25 0.85
N THR D 196 17.09 23.25 0.98
CA THR D 196 18.49 23.51 1.29
C THR D 196 19.37 23.20 0.09
N TRP D 197 18.76 22.54 -0.88
CA TRP D 197 19.40 22.24 -2.13
C TRP D 197 18.41 22.55 -3.24
N ASP D 198 18.67 23.64 -3.95
CA ASP D 198 17.72 24.20 -4.89
C ASP D 198 18.43 24.45 -6.22
N THR D 199 18.36 23.48 -7.13
CA THR D 199 19.07 23.61 -8.41
C THR D 199 18.40 24.59 -9.37
N PHE D 200 17.23 25.12 -8.98
CA PHE D 200 16.65 26.22 -9.75
C PHE D 200 17.49 27.46 -9.56
N LYS D 201 17.81 27.75 -8.31
CA LYS D 201 18.54 28.98 -7.99
C LYS D 201 20.04 28.78 -7.88
N ASN D 202 20.46 27.58 -7.51
CA ASN D 202 21.89 27.34 -7.34
C ASN D 202 22.43 26.69 -8.62
N ASP D 203 23.35 27.39 -9.27
CA ASP D 203 23.89 26.89 -10.52
C ASP D 203 25.34 26.45 -10.41
N ASN D 204 25.82 26.20 -9.20
CA ASN D 204 27.16 25.66 -9.02
C ASN D 204 27.33 24.36 -9.82
N LYS D 205 26.27 23.56 -9.84
CA LYS D 205 26.27 22.30 -10.59
C LYS D 205 25.41 22.40 -11.84
N GLN D 206 25.93 21.90 -12.96
CA GLN D 206 25.18 21.88 -14.20
C GLN D 206 24.66 20.45 -14.37
N GLY D 207 23.49 20.30 -14.98
CA GLY D 207 22.97 18.98 -15.29
C GLY D 207 21.88 18.56 -14.33
N GLY D 210 16.29 20.77 -12.62
CA GLY D 210 15.30 21.48 -11.85
C GLY D 210 14.79 20.66 -10.69
N ALA D 211 15.29 20.92 -9.50
CA ALA D 211 14.87 20.19 -8.31
C ALA D 211 15.06 21.03 -7.05
N LYS D 212 14.15 20.87 -6.09
CA LYS D 212 14.22 21.50 -4.77
C LYS D 212 14.09 20.39 -3.74
N MET D 213 14.98 20.37 -2.74
CA MET D 213 14.95 19.32 -1.73
C MET D 213 15.37 19.86 -0.37
N ARG D 214 14.85 19.24 0.69
CA ARG D 214 15.29 19.55 2.04
C ARG D 214 16.23 18.44 2.52
N PHE D 215 17.43 18.45 1.94
CA PHE D 215 18.43 17.43 2.21
C PHE D 215 19.06 17.64 3.58
N ASP D 216 19.22 18.89 3.97
CA ASP D 216 19.93 19.24 5.19
C ASP D 216 18.95 19.49 6.32
N ARG D 217 19.10 18.76 7.41
CA ARG D 217 18.14 18.84 8.51
C ARG D 217 18.83 18.76 9.85
N LEU D 218 18.15 19.29 10.87
CA LEU D 218 18.64 19.23 12.24
C LEU D 218 17.51 18.75 13.12
N TYR D 219 17.75 17.69 13.89
CA TYR D 219 16.78 17.21 14.86
C TYR D 219 17.33 17.49 16.23
N TRP D 220 16.46 17.69 17.20
CA TRP D 220 16.94 17.83 18.57
C TRP D 220 15.99 17.30 19.65
N SER D 221 16.56 17.03 20.81
CA SER D 221 15.78 16.72 22.01
C SER D 221 16.44 17.45 23.17
N GLY D 222 15.69 17.76 24.22
CA GLY D 222 16.32 18.40 25.36
C GLY D 222 15.53 19.54 25.95
N PRO D 223 16.09 20.18 26.99
CA PRO D 223 15.41 21.20 27.79
C PRO D 223 15.21 22.55 27.12
N LEU D 224 15.62 22.72 25.87
CA LEU D 224 15.30 23.95 25.16
C LEU D 224 14.19 23.59 24.19
N ASP D 225 13.03 24.22 24.33
CA ASP D 225 11.86 23.78 23.57
C ASP D 225 11.48 24.69 22.41
N LYS D 226 12.10 25.86 22.33
CA LYS D 226 11.78 26.80 21.26
C LYS D 226 12.92 26.92 20.23
N VAL D 227 12.57 27.21 18.99
CA VAL D 227 13.58 27.26 17.92
C VAL D 227 13.25 28.29 16.85
N LYS D 228 14.28 29.03 16.41
CA LYS D 228 14.21 29.86 15.22
C LYS D 228 15.09 29.20 14.17
N PHE D 229 14.73 29.38 12.90
CA PHE D 229 15.40 28.65 11.82
C PHE D 229 15.55 29.50 10.55
N THR D 230 16.81 29.68 10.10
CA THR D 230 17.09 30.41 8.87
C THR D 230 18.06 29.66 7.96
N LEU D 231 18.14 30.10 6.70
CA LEU D 231 19.11 29.58 5.73
C LEU D 231 20.20 30.60 5.54
N GLU D 232 21.42 30.15 5.25
CA GLU D 232 22.53 31.07 5.05
C GLU D 232 23.36 30.66 3.84
N GLY D 233 24.25 31.56 3.42
CA GLY D 233 25.11 31.34 2.27
C GLY D 233 24.41 31.36 0.93
N ARG D 234 23.33 32.13 0.82
CA ARG D 234 22.54 32.15 -0.42
C ARG D 234 22.96 33.23 -1.43
N GLN D 235 24.03 33.94 -1.10
CA GLN D 235 24.50 35.05 -1.92
C GLN D 235 25.71 34.65 -2.77
N ARG D 236 25.75 35.04 -4.04
CA ARG D 236 26.92 34.73 -4.87
C ARG D 236 28.09 35.50 -4.34
N ILE D 237 29.28 34.93 -4.48
CA ILE D 237 30.52 35.59 -4.12
C ILE D 237 30.86 36.59 -5.23
N ARG D 238 31.23 37.80 -4.84
CA ARG D 238 31.40 38.88 -5.81
C ARG D 238 32.55 38.61 -6.79
N SER D 239 33.70 38.20 -6.25
CA SER D 239 34.89 38.02 -7.05
C SER D 239 34.84 36.88 -8.08
N CYS D 240 34.03 35.85 -7.84
CA CYS D 240 34.06 34.70 -8.74
C CYS D 240 32.69 34.30 -9.29
N LEU D 241 31.64 34.99 -8.84
CA LEU D 241 30.27 34.74 -9.32
C LEU D 241 29.69 33.36 -9.03
N CYS D 242 30.23 32.64 -8.05
CA CYS D 242 29.59 31.38 -7.68
C CYS D 242 29.12 31.39 -6.22
N PHE D 243 28.28 30.44 -5.86
CA PHE D 243 27.86 30.35 -4.48
C PHE D 243 28.96 29.65 -3.68
N PRO D 244 29.04 29.91 -2.37
CA PRO D 244 30.06 29.21 -1.58
C PRO D 244 29.91 27.71 -1.74
N SER D 245 28.66 27.27 -1.87
CA SER D 245 28.38 25.83 -1.99
C SER D 245 27.14 25.61 -2.85
N ASP D 246 26.94 24.38 -3.31
CA ASP D 246 25.67 24.05 -3.98
C ASP D 246 24.55 23.82 -2.95
N HIS D 247 24.91 23.74 -1.68
CA HIS D 247 23.91 23.70 -0.59
C HIS D 247 23.80 25.05 0.12
N TRP D 248 22.60 25.38 0.57
CA TRP D 248 22.47 26.47 1.53
C TRP D 248 22.81 25.90 2.91
N ALA D 249 23.32 26.74 3.80
CA ALA D 249 23.52 26.32 5.17
C ALA D 249 22.24 26.50 5.97
N ILE D 250 22.02 25.64 6.95
CA ILE D 250 20.94 25.84 7.90
C ILE D 250 21.50 26.38 9.20
N ASN D 251 20.71 27.21 9.86
CA ASN D 251 21.11 27.90 11.06
C ASN D 251 19.96 27.94 12.04
N ALA D 252 20.04 27.11 13.09
CA ALA D 252 18.96 27.03 14.06
C ALA D 252 19.42 27.53 15.41
N THR D 253 18.60 28.36 16.04
CA THR D 253 18.88 28.87 17.37
C THR D 253 17.85 28.29 18.34
N PHE D 254 18.34 27.59 19.35
CA PHE D 254 17.47 26.93 20.31
C PHE D 254 17.48 27.70 21.62
N PHE D 255 16.30 27.85 22.22
CA PHE D 255 16.17 28.59 23.46
C PHE D 255 14.97 28.17 24.31
N ALA D 256 14.90 28.74 25.51
CA ALA D 256 13.83 28.39 26.45
C ALA D 256 12.76 29.48 26.45
C1 EDO E . 5.63 -2.81 -16.83
O1 EDO E . 7.00 -2.50 -17.08
C2 EDO E . 5.32 -2.53 -15.34
O2 EDO E . 3.92 -2.46 -15.11
H11 EDO E . 4.98 -2.20 -17.46
H12 EDO E . 5.43 -3.86 -17.04
HO1 EDO E . 7.21 -2.67 -18.01
H21 EDO E . 5.75 -3.33 -14.73
H22 EDO E . 5.80 -1.60 -15.05
HO2 EDO E . 3.75 -2.28 -14.18
MG MG F . -1.11 -23.22 -21.90
C1 MLI G . 0.67 -19.23 -22.59
C2 MLI G . 0.09 -20.43 -23.24
C3 MLI G . 2.10 -19.39 -22.21
O6 MLI G . 0.13 -20.58 -24.48
O7 MLI G . -0.47 -21.30 -22.51
O8 MLI G . 2.79 -18.35 -22.05
O9 MLI G . 2.60 -20.55 -22.05
H11 MLI G . 0.60 -18.48 -23.20
H12 MLI G . 0.16 -19.03 -21.79
C1 EDO H . 5.38 -29.72 2.77
O1 EDO H . 4.21 -29.61 3.60
C2 EDO H . 6.39 -28.67 3.21
O2 EDO H . 6.13 -28.32 4.58
H11 EDO H . 5.81 -30.72 2.86
H12 EDO H . 5.11 -29.55 1.72
HO1 EDO H . 3.56 -30.27 3.32
H21 EDO H . 7.40 -29.07 3.12
H22 EDO H . 6.31 -27.79 2.58
HO2 EDO H . 6.77 -27.65 4.87
C1 EDO I . 6.71 -18.49 -29.49
O1 EDO I . 6.00 -17.87 -30.57
C2 EDO I . 7.16 -19.90 -29.87
O2 EDO I . 6.43 -20.35 -31.03
H11 EDO I . 7.59 -17.88 -29.24
H12 EDO I . 6.07 -18.53 -28.61
HO1 EDO I . 5.73 -16.98 -30.31
H21 EDO I . 8.23 -19.91 -30.09
H22 EDO I . 6.99 -20.58 -29.03
HO2 EDO I . 6.72 -21.24 -31.26
C1 EDO J . 25.19 -18.03 12.52
O1 EDO J . 26.05 -19.12 12.93
C2 EDO J . 25.52 -17.62 11.08
O2 EDO J . 24.59 -16.62 10.64
H11 EDO J . 24.14 -18.35 12.58
H12 EDO J . 25.33 -17.19 13.18
HO1 EDO J . 25.83 -19.37 13.83
H21 EDO J . 26.53 -17.24 11.03
H22 EDO J . 25.45 -18.50 10.42
HO2 EDO J . 24.80 -16.37 9.73
C1 EDO K . -17.83 32.04 -15.80
O1 EDO K . -16.47 32.29 -16.16
C2 EDO K . -17.97 32.15 -14.29
O2 EDO K . -19.31 31.82 -13.89
H11 EDO K . -18.49 32.77 -16.29
H12 EDO K . -18.13 31.04 -16.13
HO1 EDO K . -16.37 32.21 -17.12
H21 EDO K . -17.27 31.46 -13.80
H22 EDO K . -17.73 33.17 -13.96
HO2 EDO K . -19.39 31.90 -12.92
C1 EDO L . 7.34 16.81 -15.41
O1 EDO L . 8.07 17.86 -16.07
C2 EDO L . 7.47 16.99 -13.90
O2 EDO L . 6.41 16.30 -13.24
H11 EDO L . 6.28 16.86 -15.70
H12 EDO L . 7.74 15.84 -15.71
HO1 EDO L . 7.99 17.75 -17.02
H21 EDO L . 8.43 16.61 -13.57
H22 EDO L . 7.41 18.05 -13.66
HO2 EDO L . 6.50 16.41 -12.27
MG MG M . -24.86 11.94 -22.28
C1 MLI N . -22.85 16.06 -23.15
C2 MLI N . -23.51 14.80 -23.58
C3 MLI N . -21.52 15.84 -22.52
O6 MLI N . -23.51 14.46 -24.80
O7 MLI N . -24.06 14.06 -22.74
O8 MLI N . -20.83 16.85 -22.20
O9 MLI N . -21.09 14.67 -22.31
H11 MLI N . -22.74 16.63 -23.92
H12 MLI N . -23.42 16.50 -22.50
C1 EDO O . 2.60 17.76 -5.69
O1 EDO O . 1.98 16.52 -6.00
C2 EDO O . 1.53 18.79 -5.31
O2 EDO O . 2.14 20.02 -4.94
H11 EDO O . 3.29 17.63 -4.85
H12 EDO O . 3.17 18.12 -6.55
HO1 EDO O . 2.65 15.87 -6.24
H21 EDO O . 0.87 18.95 -6.16
H22 EDO O . 0.93 18.41 -4.48
HO2 EDO O . 1.46 20.67 -4.70
C1 MLI P . -14.88 4.02 0.67
C2 MLI P . -15.86 3.49 1.68
C3 MLI P . -13.51 3.53 1.01
O6 MLI P . -16.76 2.70 1.29
O7 MLI P . -15.77 3.85 2.90
O8 MLI P . -12.96 2.64 0.31
O9 MLI P . -12.92 4.03 2.00
H11 MLI P . -15.14 3.72 -0.22
H12 MLI P . -14.89 4.98 0.70
C1 EDO Q . -17.22 15.59 -30.21
O1 EDO Q . -18.28 15.33 -31.14
C2 EDO Q . -17.75 16.26 -28.94
O2 EDO Q . -18.64 15.39 -28.22
H11 EDO Q . -16.72 14.66 -29.96
H12 EDO Q . -16.48 16.26 -30.69
HO1 EDO Q . -17.93 14.91 -31.94
H21 EDO Q . -16.90 16.52 -28.29
H22 EDO Q . -18.27 17.18 -29.20
HO2 EDO Q . -18.95 15.84 -27.43
C1 EDO R . -16.64 -6.26 -23.38
O1 EDO R . -17.69 -5.97 -22.43
C2 EDO R . -16.95 -5.63 -24.74
O2 EDO R . -15.95 -4.64 -25.08
H11 EDO R . -15.70 -5.88 -23.00
H12 EDO R . -16.55 -7.34 -23.49
HO1 EDO R . -17.47 -6.39 -21.58
H21 EDO R . -16.95 -6.42 -25.51
H22 EDO R . -17.93 -5.17 -24.73
HO2 EDO R . -16.16 -4.26 -25.94
C1 EDO S . -21.25 -4.62 -13.75
O1 EDO S . -20.53 -5.49 -12.87
C2 EDO S . -21.85 -5.41 -14.91
O2 EDO S . -23.24 -5.07 -15.07
H11 EDO S . -22.05 -4.11 -13.20
H12 EDO S . -20.57 -3.86 -14.14
HO1 EDO S . -20.15 -4.97 -12.14
H21 EDO S . -21.31 -5.17 -15.83
H22 EDO S . -21.75 -6.48 -14.73
HO2 EDO S . -23.61 -5.57 -15.80
MG MG T . -12.89 -4.00 23.97
C1 MLI U . -17.42 -4.27 24.76
C2 MLI U . -17.75 -5.60 24.16
C3 MLI U . -16.00 -4.22 25.21
O6 MLI U . -16.83 -6.42 23.92
O7 MLI U . -18.95 -5.87 23.88
O8 MLI U . -15.06 -3.98 24.39
O9 MLI U . -15.73 -4.42 26.42
H11 MLI U . -17.58 -3.58 24.11
H12 MLI U . -17.99 -4.12 25.54
C1 EDO V . -34.59 -3.55 17.69
O1 EDO V . -34.18 -4.87 18.07
C2 EDO V . -34.35 -3.35 16.19
O2 EDO V . -34.47 -1.97 15.82
H11 EDO V . -35.65 -3.41 17.91
H12 EDO V . -34.03 -2.80 18.26
HO1 EDO V . -34.34 -4.98 19.02
H21 EDO V . -33.35 -3.71 15.93
H22 EDO V . -35.07 -3.94 15.61
HO2 EDO V . -34.30 -1.87 14.87
C1 EDO W . -14.46 -21.05 -4.34
O1 EDO W . -13.89 -20.60 -5.57
C2 EDO W . -14.60 -22.57 -4.35
O2 EDO W . -13.47 -23.18 -3.71
H11 EDO W . -13.82 -20.74 -3.51
H12 EDO W . -15.44 -20.59 -4.20
HO1 EDO W . -13.81 -19.63 -5.56
H21 EDO W . -15.51 -22.86 -3.82
H22 EDO W . -14.68 -22.93 -5.38
HO2 EDO W . -13.57 -24.14 -3.72
C1 EDO X . -9.25 -21.12 -1.45
O1 EDO X . -8.34 -21.55 -0.43
C2 EDO X . -10.66 -21.00 -0.86
O2 EDO X . -11.44 -20.10 -1.65
H11 EDO X . -8.93 -20.16 -1.84
H12 EDO X . -9.25 -21.84 -2.27
HO1 EDO X . -7.45 -21.63 -0.81
H21 EDO X . -11.13 -21.99 -0.84
H22 EDO X . -10.61 -20.64 0.17
HO2 EDO X . -12.33 -20.04 -1.28
C1 EDO Y . -8.43 -14.87 -0.69
O1 EDO Y . -8.80 -15.59 0.48
C2 EDO Y . -7.60 -13.64 -0.29
O2 EDO Y . -7.28 -12.87 -1.46
H11 EDO Y . -7.86 -15.50 -1.36
H12 EDO Y . -9.33 -14.54 -1.22
HO1 EDO Y . -9.32 -16.36 0.24
H21 EDO Y . -8.17 -13.03 0.41
H22 EDO Y . -6.68 -13.97 0.20
HO2 EDO Y . -6.77 -12.10 -1.19
MG MG Z . 29.48 18.25 -3.93
C1 MLI AA . 27.44 14.31 -2.69
C2 MLI AA . 27.79 15.31 -3.73
C3 MLI AA . 26.41 14.84 -1.75
O6 MLI AA . 28.48 16.35 -3.49
O7 MLI AA . 27.35 15.10 -4.90
O8 MLI AA . 25.73 14.00 -1.10
O9 MLI AA . 26.21 16.08 -1.63
H11 MLI AA . 27.09 13.52 -3.12
H12 MLI AA . 28.24 14.06 -2.20
C1 EDO BA . 24.60 0.89 9.09
O1 EDO BA . 23.24 0.47 9.20
C2 EDO BA . 25.35 0.60 10.40
O2 EDO BA . 26.74 0.91 10.29
H11 EDO BA . 25.09 0.36 8.26
H12 EDO BA . 24.65 1.96 8.87
HO1 EDO BA . 22.78 0.66 8.37
H21 EDO BA . 24.90 1.17 11.21
H22 EDO BA . 25.24 -0.46 10.64
HO2 EDO BA . 27.18 0.73 11.12
C1 EDO CA . 22.54 13.59 -3.69
O1 EDO CA . 21.36 13.21 -2.97
C2 EDO CA . 22.53 15.07 -4.09
O2 EDO CA . 23.85 15.53 -4.45
H11 EDO CA . 23.42 13.40 -3.05
H12 EDO CA . 22.65 12.98 -4.59
HO1 EDO CA . 21.41 12.27 -2.74
H21 EDO CA . 21.85 15.21 -4.94
H22 EDO CA . 22.15 15.67 -3.25
HO2 EDO CA . 23.81 16.46 -4.70
C1 EDO DA . 24.87 32.87 18.11
O1 EDO DA . 24.63 34.05 17.34
C2 EDO DA . 25.63 33.22 19.40
O2 EDO DA . 27.03 33.05 19.22
H11 EDO DA . 23.93 32.39 18.36
H12 EDO DA . 25.46 32.16 17.52
HO1 EDO DA . 24.16 33.81 16.53
H21 EDO DA . 25.41 34.26 19.66
H22 EDO DA . 25.28 32.59 20.21
HO2 EDO DA . 27.48 33.28 20.04
#